data_6BMS
#
_entry.id   6BMS
#
_cell.length_a   186.402
_cell.length_b   186.402
_cell.length_c   90.177
_cell.angle_alpha   90.00
_cell.angle_beta   90.00
_cell.angle_gamma   90.00
#
_symmetry.space_group_name_H-M   'P 42 21 2'
#
loop_
_entity.id
_entity.type
_entity.pdbx_description
1 polymer Palmitoyltransferase
2 non-polymer 'ZINC ION'
3 non-polymer DODECYL-BETA-D-MALTOSIDE
4 non-polymer 'PALMITIC ACID'
5 non-polymer '(2S)-3-(hexadecanoyloxy)-2-[(9Z)-octadec-9-enoyloxy]propyl 2-(trimethylammonio)ethyl phosphate'
6 non-polymer 'PHOSPHATE ION'
7 water water
#
_entity_poly.entity_id   1
_entity_poly.type   'polypeptide(L)'
_entity_poly.pdbx_seq_one_letter_code
;GPSRATMALSRALRCCQRIFSWIPVIIISSVVLWSYYAYVFELCFVTLSNNLERVTYLLIFHVCFIMFCWTYWKAIFTPP
STPTKKFHLSYTDKERYEMEERPEVQKQILVDIAKKLPIFTRAQSGAIRFCDRCQVIKPDRCHHCSVCETCVLKMDHHSP
WVNNCVGFSNYKFFLLFLSYSMIYCVFIASTVFQYFLKFWVGDLPNGPAKFHVLFLLFVALMFFVSLMFLFGYHCWLVAK
NRSTLEAFSPPVFQNGPDRNGFNVGLSKNLRQVFGEHKKLWFIPVFTSQGDGHYFPLRTLRESENPLLANEEKWVEDGGS
DEESADENGSSLLIRTESSNS
;
_entity_poly.pdbx_strand_id   A,D
#
loop_
_chem_comp.id
_chem_comp.type
_chem_comp.name
_chem_comp.formula
LMT D-saccharide DODECYL-BETA-D-MALTOSIDE 'C24 H46 O11'
PLM non-polymer 'PALMITIC ACID' 'C16 H32 O2'
PO4 non-polymer 'PHOSPHATE ION' 'O4 P -3'
POV non-polymer '(2S)-3-(hexadecanoyloxy)-2-[(9Z)-octadec-9-enoyloxy]propyl 2-(trimethylammonio)ethyl phosphate' 'C42 H82 N O8 P'
ZN non-polymer 'ZINC ION' 'Zn 2'
#
# COMPACT_ATOMS: atom_id res chain seq x y z
N ARG A 14 -6.61 -23.55 -2.32
CA ARG A 14 -7.98 -23.35 -1.87
C ARG A 14 -8.52 -22.01 -2.37
N CYS A 15 -9.81 -21.76 -2.12
CA CYS A 15 -10.38 -20.46 -2.45
C CYS A 15 -9.67 -19.33 -1.73
N CYS A 16 -9.40 -19.53 -0.43
CA CYS A 16 -8.70 -18.53 0.36
C CYS A 16 -7.36 -18.17 -0.27
N GLN A 17 -6.57 -19.18 -0.64
CA GLN A 17 -5.25 -18.93 -1.22
C GLN A 17 -5.37 -18.17 -2.53
N ARG A 18 -6.29 -18.60 -3.41
CA ARG A 18 -6.43 -17.95 -4.70
C ARG A 18 -6.86 -16.49 -4.53
N ILE A 19 -7.69 -16.20 -3.53
CA ILE A 19 -8.04 -14.81 -3.25
C ILE A 19 -6.82 -14.04 -2.79
N PHE A 20 -6.03 -14.64 -1.90
CA PHE A 20 -4.90 -13.93 -1.30
C PHE A 20 -3.80 -13.65 -2.32
N SER A 21 -3.68 -14.50 -3.36
CA SER A 21 -2.67 -14.26 -4.38
C SER A 21 -2.89 -12.96 -5.15
N TRP A 22 -4.11 -12.42 -5.14
CA TRP A 22 -4.42 -11.22 -5.91
C TRP A 22 -4.25 -9.93 -5.13
N ILE A 23 -3.94 -10.01 -3.83
CA ILE A 23 -3.94 -8.81 -3.00
C ILE A 23 -2.83 -7.82 -3.38
N PRO A 24 -1.61 -8.24 -3.74
CA PRO A 24 -0.64 -7.24 -4.24
C PRO A 24 -1.14 -6.48 -5.46
N VAL A 25 -1.75 -7.19 -6.40
CA VAL A 25 -2.34 -6.54 -7.57
C VAL A 25 -3.43 -5.57 -7.15
N ILE A 26 -4.25 -5.97 -6.18
CA ILE A 26 -5.31 -5.09 -5.68
C ILE A 26 -4.71 -3.83 -5.06
N ILE A 27 -3.57 -3.98 -4.38
CA ILE A 27 -2.93 -2.86 -3.71
C ILE A 27 -2.39 -1.87 -4.75
N ILE A 28 -1.64 -2.36 -5.72
CA ILE A 28 -1.10 -1.48 -6.75
C ILE A 28 -2.22 -0.81 -7.54
N SER A 29 -3.25 -1.59 -7.90
CA SER A 29 -4.35 -1.03 -8.67
C SER A 29 -5.10 0.04 -7.87
N SER A 30 -5.26 -0.17 -6.56
CA SER A 30 -5.93 0.82 -5.72
C SER A 30 -5.11 2.09 -5.63
N VAL A 31 -3.80 1.97 -5.40
CA VAL A 31 -2.95 3.15 -5.34
C VAL A 31 -2.99 3.93 -6.65
N VAL A 32 -2.99 3.20 -7.78
CA VAL A 32 -2.98 3.86 -9.08
C VAL A 32 -4.32 4.56 -9.34
N LEU A 33 -5.43 3.89 -9.06
CA LEU A 33 -6.74 4.51 -9.28
C LEU A 33 -6.91 5.74 -8.39
N TRP A 34 -6.47 5.65 -7.13
CA TRP A 34 -6.57 6.80 -6.24
C TRP A 34 -5.71 7.96 -6.73
N SER A 35 -4.51 7.65 -7.26
CA SER A 35 -3.68 8.72 -7.82
C SER A 35 -4.31 9.32 -9.07
N TYR A 36 -4.99 8.50 -9.87
CA TYR A 36 -5.75 9.03 -11.01
C TYR A 36 -6.80 10.01 -10.54
N TYR A 37 -7.71 9.55 -9.68
CA TYR A 37 -8.76 10.41 -9.14
C TYR A 37 -8.18 11.69 -8.55
N ALA A 38 -7.04 11.58 -7.87
CA ALA A 38 -6.43 12.75 -7.23
C ALA A 38 -5.92 13.75 -8.27
N TYR A 39 -5.12 13.29 -9.24
CA TYR A 39 -4.55 14.24 -10.20
C TYR A 39 -5.62 14.86 -11.09
N VAL A 40 -6.46 14.01 -11.69
CA VAL A 40 -7.33 14.45 -12.78
C VAL A 40 -8.19 15.63 -12.34
N PHE A 41 -8.99 15.45 -11.30
CA PHE A 41 -9.90 16.50 -10.86
C PHE A 41 -9.15 17.59 -10.12
N GLU A 42 -8.90 17.35 -8.83
CA GLU A 42 -8.31 18.32 -7.90
C GLU A 42 -7.06 19.01 -8.44
N LEU A 43 -5.99 18.23 -8.62
CA LEU A 43 -4.69 18.82 -8.89
C LEU A 43 -4.63 19.46 -10.27
N CYS A 44 -5.21 18.82 -11.29
CA CYS A 44 -5.17 19.40 -12.63
C CYS A 44 -5.98 20.68 -12.69
N PHE A 45 -7.14 20.72 -12.04
CA PHE A 45 -7.90 21.97 -11.98
C PHE A 45 -7.09 23.06 -11.28
N VAL A 46 -6.48 22.73 -10.14
CA VAL A 46 -5.80 23.75 -9.34
C VAL A 46 -4.57 24.30 -10.05
N THR A 47 -3.91 23.51 -10.89
CA THR A 47 -2.74 23.99 -11.62
C THR A 47 -2.89 23.74 -13.11
N ASN A 50 -4.79 27.71 -16.57
CA ASN A 50 -5.04 27.85 -18.00
C ASN A 50 -5.72 26.60 -18.56
N ASN A 51 -6.69 26.82 -19.46
CA ASN A 51 -7.46 25.71 -20.00
C ASN A 51 -6.62 24.89 -20.98
N LEU A 52 -5.91 25.56 -21.89
CA LEU A 52 -5.09 24.84 -22.86
C LEU A 52 -4.00 24.02 -22.15
N GLU A 53 -3.32 24.65 -21.19
CA GLU A 53 -2.34 23.93 -20.38
C GLU A 53 -2.97 22.71 -19.70
N ARG A 54 -4.16 22.91 -19.10
CA ARG A 54 -4.81 21.84 -18.36
C ARG A 54 -5.17 20.66 -19.27
N VAL A 55 -5.68 20.95 -20.47
CA VAL A 55 -6.05 19.88 -21.39
C VAL A 55 -4.81 19.17 -21.91
N THR A 56 -3.79 19.93 -22.31
CA THR A 56 -2.52 19.31 -22.71
C THR A 56 -2.05 18.34 -21.63
N TYR A 57 -1.85 18.82 -20.40
CA TYR A 57 -1.33 17.97 -19.34
C TYR A 57 -2.28 16.82 -18.98
N LEU A 58 -3.59 17.01 -19.13
CA LEU A 58 -4.53 15.93 -18.85
C LEU A 58 -4.41 14.81 -19.88
N LEU A 59 -4.17 15.18 -21.14
CA LEU A 59 -4.01 14.16 -22.17
C LEU A 59 -2.66 13.46 -22.07
N ILE A 60 -1.58 14.19 -21.73
CA ILE A 60 -0.31 13.53 -21.47
C ILE A 60 -0.46 12.55 -20.31
N PHE A 61 -1.03 13.03 -19.20
CA PHE A 61 -1.25 12.16 -18.04
C PHE A 61 -2.06 10.93 -18.43
N HIS A 62 -3.08 11.10 -19.28
CA HIS A 62 -3.88 9.97 -19.68
C HIS A 62 -3.09 8.97 -20.52
N VAL A 63 -2.17 9.45 -21.36
CA VAL A 63 -1.34 8.53 -22.14
C VAL A 63 -0.43 7.74 -21.20
N CYS A 64 0.18 8.41 -20.23
CA CYS A 64 0.96 7.70 -19.22
C CYS A 64 0.12 6.64 -18.53
N PHE A 65 -1.08 7.01 -18.09
CA PHE A 65 -1.98 6.08 -17.40
C PHE A 65 -2.30 4.87 -18.28
N ILE A 66 -2.60 5.11 -19.56
CA ILE A 66 -2.99 4.01 -20.44
C ILE A 66 -1.81 3.09 -20.71
N MET A 67 -0.60 3.64 -20.82
CA MET A 67 0.55 2.76 -21.02
C MET A 67 0.84 1.95 -19.76
N PHE A 68 0.67 2.55 -18.59
CA PHE A 68 0.77 1.79 -17.35
C PHE A 68 -0.20 0.63 -17.34
N CYS A 69 -1.48 0.89 -17.61
CA CYS A 69 -2.48 -0.16 -17.53
C CYS A 69 -2.26 -1.23 -18.61
N TRP A 70 -1.95 -0.80 -19.83
CA TRP A 70 -1.59 -1.69 -20.93
C TRP A 70 -0.51 -2.69 -20.50
N THR A 71 0.66 -2.17 -20.12
CA THR A 71 1.80 -3.03 -19.81
C THR A 71 1.55 -3.85 -18.55
N TYR A 72 0.92 -3.27 -17.54
CA TYR A 72 0.59 -4.00 -16.32
C TYR A 72 -0.32 -5.18 -16.63
N TRP A 73 -1.38 -4.93 -17.42
CA TRP A 73 -2.32 -5.97 -17.79
C TRP A 73 -1.62 -7.13 -18.48
N LYS A 74 -0.79 -6.82 -19.49
CA LYS A 74 -0.16 -7.90 -20.24
C LYS A 74 0.91 -8.61 -19.44
N ALA A 75 1.54 -7.91 -18.51
CA ALA A 75 2.43 -8.58 -17.57
C ALA A 75 1.67 -9.57 -16.71
N ILE A 76 0.50 -9.18 -16.21
CA ILE A 76 -0.27 -10.05 -15.32
C ILE A 76 -0.82 -11.26 -16.08
N PHE A 77 -1.37 -11.03 -17.27
CA PHE A 77 -2.22 -12.03 -17.91
C PHE A 77 -1.58 -12.74 -19.08
N THR A 78 -0.30 -12.53 -19.35
CA THR A 78 0.40 -13.32 -20.37
C THR A 78 0.94 -14.58 -19.70
N PRO A 79 0.44 -15.75 -20.05
CA PRO A 79 0.89 -16.98 -19.38
C PRO A 79 2.30 -17.33 -19.77
N PRO A 80 3.00 -18.12 -18.96
CA PRO A 80 4.38 -18.49 -19.31
C PRO A 80 4.42 -19.42 -20.51
N SER A 81 5.52 -19.30 -21.27
CA SER A 81 5.80 -20.26 -22.32
C SER A 81 6.32 -21.56 -21.70
N THR A 82 5.98 -22.67 -22.33
CA THR A 82 6.17 -24.01 -21.80
C THR A 82 6.93 -24.86 -22.80
N PRO A 83 7.78 -25.79 -22.33
CA PRO A 83 8.52 -26.64 -23.25
C PRO A 83 7.60 -27.42 -24.19
N THR A 84 8.06 -27.60 -25.43
CA THR A 84 7.28 -28.28 -26.44
C THR A 84 7.33 -29.79 -26.24
N LYS A 85 6.46 -30.49 -26.98
CA LYS A 85 6.32 -31.94 -26.88
C LYS A 85 7.68 -32.64 -26.99
N LYS A 86 8.56 -32.13 -27.85
CA LYS A 86 9.86 -32.74 -28.07
C LYS A 86 10.66 -32.86 -26.78
N PHE A 87 10.42 -31.97 -25.82
CA PHE A 87 11.12 -32.00 -24.54
C PHE A 87 10.36 -32.73 -23.45
N HIS A 88 9.19 -33.29 -23.77
CA HIS A 88 8.41 -34.03 -22.81
C HIS A 88 8.69 -35.52 -22.92
N LEU A 89 8.67 -36.19 -21.76
CA LEU A 89 8.63 -37.63 -21.71
C LEU A 89 7.18 -38.09 -21.64
N SER A 90 6.77 -38.92 -22.58
CA SER A 90 5.39 -39.38 -22.67
C SER A 90 5.20 -40.72 -21.96
N TYR A 91 5.67 -40.80 -20.73
CA TYR A 91 5.61 -42.05 -19.99
C TYR A 91 4.26 -42.24 -19.32
N THR A 92 3.91 -43.50 -19.10
CA THR A 92 2.72 -43.84 -18.34
C THR A 92 2.97 -43.67 -16.85
N ASP A 93 1.90 -43.79 -16.05
CA ASP A 93 2.07 -43.86 -14.60
C ASP A 93 2.87 -45.09 -14.22
N LYS A 94 2.66 -46.21 -14.93
CA LYS A 94 3.40 -47.43 -14.65
C LYS A 94 4.88 -47.26 -14.92
N GLU A 95 5.22 -46.67 -16.07
CA GLU A 95 6.63 -46.55 -16.46
C GLU A 95 7.43 -45.69 -15.48
N ARG A 96 6.77 -44.74 -14.82
CA ARG A 96 7.43 -43.96 -13.78
C ARG A 96 7.83 -44.87 -12.64
N TYR A 97 9.10 -45.25 -12.59
CA TYR A 97 9.57 -46.24 -11.63
C TYR A 97 10.89 -45.81 -10.99
N ARG A 102 14.11 -47.29 -10.44
CA ARG A 102 15.53 -47.35 -10.78
C ARG A 102 15.98 -46.06 -11.44
N PRO A 103 16.93 -45.35 -10.81
CA PRO A 103 17.26 -43.98 -11.25
C PRO A 103 18.35 -43.90 -12.32
N GLU A 104 19.28 -44.84 -12.34
CA GLU A 104 20.41 -44.73 -13.26
C GLU A 104 20.00 -45.04 -14.70
N VAL A 105 19.08 -46.00 -14.88
CA VAL A 105 18.54 -46.25 -16.22
C VAL A 105 17.85 -45.01 -16.74
N GLN A 106 17.13 -44.29 -15.86
CA GLN A 106 16.53 -43.02 -16.25
C GLN A 106 17.60 -42.03 -16.67
N LYS A 107 18.71 -41.96 -15.92
CA LYS A 107 19.81 -41.07 -16.30
C LYS A 107 20.30 -41.36 -17.70
N GLN A 108 20.59 -42.64 -17.99
CA GLN A 108 21.09 -43.00 -19.32
C GLN A 108 20.07 -42.69 -20.41
N ILE A 109 18.79 -43.00 -20.15
CA ILE A 109 17.73 -42.68 -21.12
C ILE A 109 17.76 -41.19 -21.44
N LEU A 110 17.78 -40.34 -20.41
CA LEU A 110 17.78 -38.90 -20.64
C LEU A 110 18.99 -38.46 -21.43
N VAL A 111 20.16 -39.05 -21.16
CA VAL A 111 21.36 -38.69 -21.91
C VAL A 111 21.16 -39.01 -23.40
N ASP A 112 20.69 -40.22 -23.69
CA ASP A 112 20.49 -40.62 -25.08
C ASP A 112 19.49 -39.71 -25.78
N ILE A 113 18.45 -39.27 -25.07
CA ILE A 113 17.51 -38.32 -25.66
C ILE A 113 18.19 -36.98 -25.90
N ALA A 114 18.96 -36.50 -24.92
CA ALA A 114 19.62 -35.20 -25.00
C ALA A 114 20.61 -35.13 -26.15
N LYS A 115 21.09 -36.28 -26.63
CA LYS A 115 21.94 -36.28 -27.83
C LYS A 115 21.33 -35.52 -29.00
N LYS A 116 20.00 -35.36 -29.05
CA LYS A 116 19.33 -34.70 -30.16
C LYS A 116 18.60 -33.42 -29.74
N LEU A 117 18.92 -32.88 -28.55
CA LEU A 117 18.25 -31.68 -28.08
C LEU A 117 19.26 -30.58 -27.80
N PRO A 118 18.92 -29.31 -28.08
CA PRO A 118 19.88 -28.19 -27.94
C PRO A 118 20.04 -27.74 -26.48
N ILE A 119 20.47 -28.67 -25.63
CA ILE A 119 20.58 -28.41 -24.20
C ILE A 119 22.06 -28.51 -23.83
N PHE A 120 22.64 -27.38 -23.42
CA PHE A 120 24.05 -27.31 -23.09
C PHE A 120 24.30 -27.06 -21.61
N THR A 121 23.23 -26.86 -20.83
CA THR A 121 23.31 -26.64 -19.39
C THR A 121 22.97 -27.93 -18.65
N ARG A 122 23.57 -28.12 -17.49
CA ARG A 122 23.35 -29.30 -16.67
C ARG A 122 23.16 -28.90 -15.22
N ALA A 123 22.78 -29.87 -14.40
CA ALA A 123 22.78 -29.69 -12.96
C ALA A 123 24.22 -29.66 -12.45
N GLN A 124 24.37 -29.28 -11.17
CA GLN A 124 25.70 -29.21 -10.59
C GLN A 124 26.37 -30.58 -10.57
N SER A 125 25.58 -31.65 -10.40
CA SER A 125 26.12 -33.00 -10.47
C SER A 125 26.55 -33.36 -11.89
N GLY A 126 26.13 -32.59 -12.88
CA GLY A 126 26.35 -32.94 -14.28
C GLY A 126 25.18 -33.68 -14.91
N ALA A 127 24.16 -34.01 -14.14
CA ALA A 127 23.01 -34.74 -14.65
C ALA A 127 22.17 -33.86 -15.56
N ILE A 128 21.39 -34.52 -16.42
CA ILE A 128 20.39 -33.80 -17.22
C ILE A 128 19.34 -33.22 -16.28
N ARG A 129 19.01 -31.95 -16.48
CA ARG A 129 17.99 -31.32 -15.66
C ARG A 129 16.62 -31.85 -16.07
N PHE A 130 15.86 -32.34 -15.09
CA PHE A 130 14.60 -33.03 -15.34
C PHE A 130 13.59 -32.67 -14.27
N CYS A 131 12.35 -32.46 -14.70
CA CYS A 131 11.26 -32.07 -13.80
C CYS A 131 10.32 -33.26 -13.65
N ASP A 132 10.23 -33.80 -12.43
CA ASP A 132 9.36 -34.94 -12.18
C ASP A 132 7.89 -34.57 -12.36
N ARG A 133 7.52 -33.33 -12.05
CA ARG A 133 6.10 -32.96 -12.06
C ARG A 133 5.59 -32.76 -13.48
N CYS A 134 6.36 -32.08 -14.32
CA CYS A 134 5.97 -31.84 -15.71
C CYS A 134 6.41 -32.94 -16.65
N GLN A 135 7.26 -33.87 -16.20
CA GLN A 135 7.88 -34.88 -17.07
C GLN A 135 8.59 -34.22 -18.24
N VAL A 136 9.45 -33.26 -17.92
CA VAL A 136 10.06 -32.38 -18.90
C VAL A 136 11.58 -32.46 -18.76
N ILE A 137 12.25 -32.72 -19.87
CA ILE A 137 13.70 -32.50 -19.96
C ILE A 137 13.89 -30.99 -20.13
N LYS A 138 14.21 -30.31 -19.04
CA LYS A 138 14.22 -28.85 -19.01
C LYS A 138 15.13 -28.28 -20.10
N PRO A 139 14.62 -27.42 -20.98
CA PRO A 139 15.52 -26.66 -21.84
C PRO A 139 16.43 -25.76 -21.01
N ASP A 140 17.51 -25.31 -21.65
CA ASP A 140 18.36 -24.31 -21.03
C ASP A 140 17.52 -23.10 -20.63
N ARG A 141 17.82 -22.54 -19.46
CA ARG A 141 17.17 -21.36 -18.88
C ARG A 141 15.73 -21.62 -18.44
N CYS A 142 15.19 -22.82 -18.64
CA CYS A 142 13.85 -23.15 -18.18
C CYS A 142 13.90 -23.65 -16.74
N HIS A 143 12.96 -23.20 -15.92
CA HIS A 143 12.91 -23.62 -14.52
C HIS A 143 11.48 -23.90 -14.11
N HIS A 144 11.32 -24.72 -13.08
CA HIS A 144 9.99 -25.05 -12.60
C HIS A 144 9.53 -24.02 -11.58
N CYS A 145 8.33 -23.49 -11.78
CA CYS A 145 7.69 -22.60 -10.81
C CYS A 145 6.64 -23.39 -10.04
N SER A 146 6.83 -23.50 -8.73
CA SER A 146 5.88 -24.22 -7.89
C SER A 146 4.60 -23.43 -7.66
N VAL A 147 4.63 -22.11 -7.84
CA VAL A 147 3.39 -21.33 -7.73
C VAL A 147 2.55 -21.53 -8.99
N CYS A 148 3.11 -21.20 -10.16
CA CYS A 148 2.47 -21.57 -11.41
C CYS A 148 2.42 -23.08 -11.62
N GLU A 149 3.21 -23.84 -10.87
CA GLU A 149 3.24 -25.30 -10.93
C GLU A 149 3.54 -25.79 -12.34
N THR A 150 4.45 -25.10 -13.02
CA THR A 150 4.79 -25.50 -14.38
C THR A 150 6.21 -25.07 -14.70
N CYS A 151 6.84 -25.81 -15.59
CA CYS A 151 8.11 -25.39 -16.15
C CYS A 151 7.89 -24.18 -17.05
N VAL A 152 8.78 -23.20 -16.90
CA VAL A 152 8.66 -21.88 -17.50
C VAL A 152 9.96 -21.59 -18.24
N LEU A 153 9.84 -21.18 -19.50
CA LEU A 153 11.00 -20.94 -20.33
C LEU A 153 11.62 -19.58 -20.02
N LYS A 154 12.95 -19.54 -20.02
CA LYS A 154 13.74 -18.41 -19.49
C LYS A 154 13.02 -17.71 -18.34
N MET A 155 12.68 -18.49 -17.31
CA MET A 155 12.02 -17.92 -16.15
C MET A 155 12.95 -16.94 -15.46
N ASP A 156 12.57 -15.65 -15.44
CA ASP A 156 13.29 -14.70 -14.60
C ASP A 156 12.96 -14.93 -13.14
N HIS A 157 11.68 -14.87 -12.78
CA HIS A 157 11.27 -15.08 -11.40
C HIS A 157 9.76 -15.02 -11.31
N HIS A 158 9.21 -15.64 -10.28
CA HIS A 158 7.78 -15.52 -10.02
C HIS A 158 7.51 -14.25 -9.23
N SER A 159 6.61 -13.41 -9.74
CA SER A 159 6.34 -12.11 -9.16
C SER A 159 4.99 -12.10 -8.47
N PRO A 160 4.94 -11.92 -7.16
CA PRO A 160 3.65 -11.70 -6.49
C PRO A 160 2.99 -10.41 -6.93
N TRP A 161 3.77 -9.44 -7.40
CA TRP A 161 3.25 -8.12 -7.68
C TRP A 161 2.47 -8.07 -8.99
N VAL A 162 2.78 -8.96 -9.93
CA VAL A 162 1.94 -9.16 -11.10
C VAL A 162 1.18 -10.47 -11.00
N ASN A 163 1.28 -11.17 -9.86
CA ASN A 163 0.59 -12.43 -9.61
C ASN A 163 0.85 -13.41 -10.75
N ASN A 164 2.11 -13.49 -11.16
CA ASN A 164 2.40 -14.22 -12.39
C ASN A 164 3.90 -14.44 -12.48
N CYS A 165 4.28 -15.45 -13.26
CA CYS A 165 5.68 -15.62 -13.59
C CYS A 165 6.14 -14.54 -14.58
N VAL A 166 7.39 -14.12 -14.41
CA VAL A 166 8.07 -13.26 -15.36
C VAL A 166 9.17 -14.09 -16.01
N GLY A 167 9.04 -14.26 -17.32
CA GLY A 167 9.94 -15.10 -18.09
C GLY A 167 9.89 -14.76 -19.56
N PHE A 168 10.18 -15.77 -20.39
CA PHE A 168 10.35 -15.55 -21.82
C PHE A 168 9.14 -14.86 -22.46
N SER A 169 7.94 -15.26 -22.06
CA SER A 169 6.75 -14.81 -22.78
C SER A 169 6.39 -13.36 -22.45
N ASN A 170 6.73 -12.86 -21.26
CA ASN A 170 6.25 -11.56 -20.84
C ASN A 170 7.32 -10.63 -20.27
N TYR A 171 8.60 -10.98 -20.41
CA TYR A 171 9.66 -10.16 -19.79
C TYR A 171 9.66 -8.73 -20.33
N LYS A 172 9.53 -8.58 -21.65
CA LYS A 172 9.49 -7.25 -22.25
C LYS A 172 8.33 -6.42 -21.68
N PHE A 173 7.16 -7.04 -21.53
CA PHE A 173 6.02 -6.34 -20.93
C PHE A 173 6.33 -5.94 -19.50
N PHE A 174 7.08 -6.78 -18.78
CA PHE A 174 7.44 -6.48 -17.40
C PHE A 174 8.34 -5.25 -17.32
N LEU A 175 9.36 -5.19 -18.18
CA LEU A 175 10.27 -4.05 -18.16
C LEU A 175 9.58 -2.77 -18.60
N LEU A 176 8.74 -2.85 -19.65
CA LEU A 176 7.94 -1.69 -20.02
C LEU A 176 7.04 -1.25 -18.88
N PHE A 177 6.51 -2.21 -18.11
CA PHE A 177 5.67 -1.87 -16.97
C PHE A 177 6.47 -1.13 -15.90
N LEU A 178 7.71 -1.55 -15.66
CA LEU A 178 8.56 -0.82 -14.73
C LEU A 178 8.81 0.60 -15.23
N SER A 179 9.12 0.74 -16.52
CA SER A 179 9.43 2.07 -17.07
C SER A 179 8.24 3.02 -16.94
N TYR A 180 7.06 2.58 -17.40
CA TYR A 180 5.88 3.43 -17.32
C TYR A 180 5.47 3.68 -15.87
N SER A 181 5.69 2.71 -14.99
CA SER A 181 5.51 2.95 -13.56
C SER A 181 6.37 4.11 -13.09
N MET A 182 7.64 4.12 -13.50
CA MET A 182 8.54 5.21 -13.11
C MET A 182 8.05 6.55 -13.64
N ILE A 183 7.71 6.60 -14.93
CA ILE A 183 7.25 7.86 -15.53
C ILE A 183 6.02 8.38 -14.80
N TYR A 184 5.07 7.48 -14.52
CA TYR A 184 3.86 7.86 -13.77
C TYR A 184 4.22 8.42 -12.40
N CYS A 185 5.15 7.75 -11.70
CA CYS A 185 5.55 8.22 -10.37
C CYS A 185 6.15 9.62 -10.44
N VAL A 186 6.99 9.89 -11.44
CA VAL A 186 7.59 11.21 -11.58
C VAL A 186 6.51 12.25 -11.86
N PHE A 187 5.55 11.91 -12.73
CA PHE A 187 4.46 12.84 -13.02
C PHE A 187 3.69 13.20 -11.75
N ILE A 188 3.26 12.20 -10.99
CA ILE A 188 2.47 12.46 -9.78
C ILE A 188 3.27 13.26 -8.77
N ALA A 189 4.50 12.82 -8.51
CA ALA A 189 5.35 13.49 -7.52
C ALA A 189 5.58 14.96 -7.88
N SER A 190 5.97 15.22 -9.13
CA SER A 190 6.20 16.59 -9.57
C SER A 190 4.93 17.42 -9.48
N THR A 191 3.78 16.84 -9.85
CA THR A 191 2.53 17.58 -9.77
C THR A 191 2.22 18.01 -8.34
N VAL A 192 2.31 17.06 -7.39
CA VAL A 192 2.00 17.39 -6.00
C VAL A 192 2.99 18.42 -5.46
N PHE A 193 4.28 18.29 -5.82
CA PHE A 193 5.25 19.28 -5.40
C PHE A 193 4.89 20.67 -5.90
N GLN A 194 4.50 20.78 -7.17
CA GLN A 194 4.12 22.09 -7.71
C GLN A 194 2.87 22.62 -6.99
N TYR A 195 1.93 21.73 -6.67
CA TYR A 195 0.72 22.16 -5.95
C TYR A 195 1.08 22.74 -4.58
N PHE A 196 1.92 22.05 -3.83
CA PHE A 196 2.26 22.53 -2.49
C PHE A 196 3.19 23.72 -2.51
N LEU A 197 4.03 23.87 -3.54
CA LEU A 197 4.81 25.10 -3.67
C LEU A 197 3.88 26.28 -3.94
N LYS A 198 3.00 26.14 -4.93
CA LYS A 198 2.06 27.20 -5.23
C LYS A 198 1.21 27.54 -4.01
N PHE A 199 0.86 26.54 -3.20
CA PHE A 199 0.24 26.84 -1.91
C PHE A 199 1.15 27.64 -1.00
N TRP A 200 2.40 27.23 -0.93
CA TRP A 200 3.37 27.90 -0.08
C TRP A 200 3.62 29.34 -0.53
N VAL A 201 3.55 29.60 -1.83
CA VAL A 201 3.69 30.95 -2.37
C VAL A 201 2.37 31.71 -2.43
N GLY A 202 1.29 31.11 -1.93
CA GLY A 202 0.02 31.82 -1.80
C GLY A 202 -0.64 32.19 -3.12
N ASP A 203 -0.49 31.36 -4.14
CA ASP A 203 -1.14 31.61 -5.41
C ASP A 203 -2.44 30.83 -5.58
N LEU A 204 -3.04 30.33 -4.49
CA LEU A 204 -4.29 29.55 -4.60
C LEU A 204 -5.46 30.47 -4.41
N ALA A 209 -5.72 24.43 1.60
CA ALA A 209 -5.17 23.43 0.68
C ALA A 209 -5.62 22.03 1.08
N LYS A 210 -5.30 21.06 0.23
CA LYS A 210 -5.61 19.65 0.48
C LYS A 210 -4.37 19.00 1.09
N PHE A 211 -4.24 19.15 2.40
CA PHE A 211 -3.05 18.65 3.10
C PHE A 211 -2.89 17.15 2.93
N HIS A 212 -4.00 16.42 2.86
CA HIS A 212 -3.94 14.96 2.79
C HIS A 212 -3.16 14.48 1.56
N VAL A 213 -3.30 15.17 0.43
CA VAL A 213 -2.60 14.74 -0.77
C VAL A 213 -1.09 14.79 -0.62
N LEU A 214 -0.59 15.46 0.42
CA LEU A 214 0.85 15.39 0.71
C LEU A 214 1.29 13.94 0.85
N PHE A 215 0.48 13.12 1.53
CA PHE A 215 0.76 11.69 1.62
C PHE A 215 0.98 11.08 0.25
N LEU A 216 0.14 11.46 -0.72
CA LEU A 216 0.30 11.00 -2.10
C LEU A 216 1.74 11.18 -2.58
N LEU A 217 2.29 12.39 -2.40
CA LEU A 217 3.67 12.64 -2.79
C LEU A 217 4.59 11.61 -2.14
N PHE A 218 4.48 11.45 -0.82
CA PHE A 218 5.36 10.52 -0.11
C PHE A 218 5.24 9.12 -0.68
N VAL A 219 4.05 8.73 -1.15
CA VAL A 219 3.92 7.43 -1.78
C VAL A 219 4.67 7.42 -3.11
N ALA A 220 4.38 8.40 -3.97
CA ALA A 220 5.02 8.46 -5.29
C ALA A 220 6.53 8.33 -5.17
N LEU A 221 7.15 9.30 -4.46
CA LEU A 221 8.58 9.25 -4.18
C LEU A 221 9.03 7.85 -3.83
N MET A 222 8.40 7.25 -2.81
CA MET A 222 8.80 5.92 -2.38
C MET A 222 8.87 4.98 -3.56
N PHE A 223 7.72 4.79 -4.25
CA PHE A 223 7.70 3.88 -5.38
C PHE A 223 8.79 4.23 -6.38
N PHE A 224 8.94 5.51 -6.70
CA PHE A 224 9.97 5.92 -7.64
C PHE A 224 11.32 5.36 -7.23
N VAL A 225 11.75 5.65 -6.00
CA VAL A 225 13.09 5.22 -5.60
C VAL A 225 13.17 3.70 -5.63
N SER A 226 12.10 3.02 -5.22
CA SER A 226 12.09 1.56 -5.30
C SER A 226 12.29 1.12 -6.73
N LEU A 227 11.50 1.69 -7.64
CA LEU A 227 11.65 1.34 -9.05
C LEU A 227 13.06 1.63 -9.53
N MET A 228 13.68 2.70 -9.02
CA MET A 228 15.04 3.02 -9.44
C MET A 228 15.98 1.88 -9.15
N PHE A 229 15.85 1.26 -7.97
CA PHE A 229 16.69 0.11 -7.66
C PHE A 229 16.31 -1.08 -8.51
N LEU A 230 15.00 -1.26 -8.76
CA LEU A 230 14.55 -2.42 -9.51
C LEU A 230 14.89 -2.27 -10.99
N PHE A 231 14.39 -1.21 -11.63
CA PHE A 231 14.70 -0.92 -13.03
C PHE A 231 16.19 -1.05 -13.28
N GLY A 232 17.00 -0.27 -12.55
CA GLY A 232 18.45 -0.38 -12.68
C GLY A 232 18.92 -1.82 -12.66
N TYR A 233 18.52 -2.57 -11.64
CA TYR A 233 18.93 -3.97 -11.53
C TYR A 233 18.61 -4.72 -12.82
N HIS A 234 17.37 -4.61 -13.29
CA HIS A 234 17.00 -5.33 -14.51
C HIS A 234 17.76 -4.81 -15.71
N CYS A 235 18.00 -3.50 -15.77
CA CYS A 235 18.91 -2.97 -16.79
C CYS A 235 20.16 -3.82 -16.84
N TRP A 236 20.85 -3.93 -15.70
CA TRP A 236 22.01 -4.79 -15.58
C TRP A 236 21.74 -6.14 -16.22
N LEU A 237 20.74 -6.86 -15.70
CA LEU A 237 20.42 -8.18 -16.23
C LEU A 237 20.28 -8.15 -17.75
N VAL A 238 19.45 -7.21 -18.24
CA VAL A 238 19.15 -7.23 -19.67
C VAL A 238 20.38 -6.86 -20.48
N ALA A 239 21.25 -5.99 -19.93
CA ALA A 239 22.46 -5.64 -20.67
C ALA A 239 23.35 -6.86 -20.86
N LYS A 240 23.29 -7.81 -19.95
CA LYS A 240 24.23 -8.92 -19.95
C LYS A 240 23.58 -10.25 -20.30
N ASN A 241 22.30 -10.25 -20.65
CA ASN A 241 21.54 -11.46 -20.98
C ASN A 241 21.64 -12.48 -19.85
N ARG A 242 21.10 -12.07 -18.71
CA ARG A 242 21.18 -12.84 -17.47
C ARG A 242 19.82 -12.75 -16.78
N SER A 243 19.27 -13.90 -16.41
CA SER A 243 18.04 -13.90 -15.64
C SER A 243 18.35 -13.79 -14.16
N THR A 244 17.34 -13.43 -13.38
CA THR A 244 17.50 -13.34 -11.93
C THR A 244 18.02 -14.64 -11.35
N LEU A 245 17.37 -15.76 -11.72
CA LEU A 245 17.82 -17.07 -11.27
C LEU A 245 19.28 -17.31 -11.64
N GLU A 246 19.65 -16.98 -12.87
CA GLU A 246 21.04 -17.16 -13.29
C GLU A 246 21.97 -16.21 -12.55
N ALA A 247 21.51 -14.98 -12.28
CA ALA A 247 22.32 -14.03 -11.53
C ALA A 247 22.65 -14.56 -10.14
N PHE A 248 21.69 -15.24 -9.51
CA PHE A 248 21.93 -15.79 -8.18
C PHE A 248 22.48 -17.20 -8.19
N SER A 249 22.44 -17.89 -9.34
CA SER A 249 23.01 -19.24 -9.46
C SER A 249 23.46 -19.43 -10.90
N PRO A 250 24.75 -19.27 -11.17
CA PRO A 250 25.26 -19.32 -12.55
C PRO A 250 24.99 -20.67 -13.19
N PRO A 251 24.60 -20.68 -14.46
CA PRO A 251 24.35 -21.95 -15.14
C PRO A 251 25.63 -22.76 -15.32
N VAL A 252 25.49 -24.08 -15.28
CA VAL A 252 26.61 -24.99 -15.38
C VAL A 252 26.64 -25.56 -16.79
N PHE A 253 27.76 -25.34 -17.48
CA PHE A 253 27.97 -25.88 -18.82
C PHE A 253 28.94 -27.06 -18.76
N GLN A 254 29.31 -27.54 -19.94
CA GLN A 254 30.24 -28.66 -20.05
C GLN A 254 31.55 -28.37 -19.33
N ASN A 255 31.98 -27.10 -19.31
CA ASN A 255 33.24 -26.70 -18.68
C ASN A 255 33.03 -26.01 -17.35
N GLY A 256 31.86 -26.18 -16.73
CA GLY A 256 31.61 -25.63 -15.41
C GLY A 256 30.67 -24.45 -15.44
N PRO A 257 30.54 -23.76 -14.30
CA PRO A 257 29.65 -22.59 -14.23
C PRO A 257 30.18 -21.46 -15.10
N ASP A 258 29.27 -20.72 -15.72
CA ASP A 258 29.65 -19.61 -16.58
C ASP A 258 28.60 -18.52 -16.44
N ARG A 259 28.99 -17.41 -15.80
CA ARG A 259 28.08 -16.29 -15.58
C ARG A 259 27.75 -15.54 -16.85
N ASN A 260 28.48 -15.77 -17.95
CA ASN A 260 28.28 -15.05 -19.20
C ASN A 260 27.95 -15.98 -20.37
N GLY A 261 27.51 -17.21 -20.07
CA GLY A 261 27.29 -18.21 -21.10
C GLY A 261 26.34 -17.79 -22.21
N PHE A 262 25.41 -16.88 -21.93
CA PHE A 262 24.42 -16.44 -22.90
C PHE A 262 24.63 -14.98 -23.32
N ASN A 263 25.74 -14.37 -22.93
CA ASN A 263 26.03 -12.97 -23.22
C ASN A 263 26.67 -12.86 -24.60
N VAL A 264 25.89 -12.40 -25.58
CA VAL A 264 26.39 -12.29 -26.95
C VAL A 264 26.44 -10.82 -27.38
N GLY A 265 26.76 -9.93 -26.46
CA GLY A 265 26.90 -8.52 -26.80
C GLY A 265 25.66 -7.71 -26.45
N LEU A 266 25.89 -6.45 -26.08
CA LEU A 266 24.81 -5.60 -25.59
C LEU A 266 23.69 -5.46 -26.61
N SER A 267 24.05 -5.18 -27.87
CA SER A 267 23.04 -4.92 -28.89
C SER A 267 22.12 -6.12 -29.10
N LYS A 268 22.70 -7.30 -29.25
CA LYS A 268 21.88 -8.49 -29.49
C LYS A 268 21.22 -9.00 -28.22
N ASN A 269 21.83 -8.75 -27.05
CA ASN A 269 21.14 -9.03 -25.80
C ASN A 269 19.85 -8.21 -25.70
N LEU A 270 19.95 -6.91 -25.98
CA LEU A 270 18.78 -6.05 -25.95
C LEU A 270 17.74 -6.48 -26.98
N ARG A 271 18.19 -6.75 -28.21
CA ARG A 271 17.26 -7.09 -29.27
C ARG A 271 16.63 -8.46 -29.08
N GLN A 272 17.26 -9.35 -28.32
CA GLN A 272 16.62 -10.63 -27.99
C GLN A 272 15.32 -10.41 -27.22
N VAL A 273 15.25 -9.34 -26.45
CA VAL A 273 14.07 -9.04 -25.64
C VAL A 273 13.13 -8.07 -26.34
N PHE A 274 13.67 -7.02 -26.95
CA PHE A 274 12.85 -5.96 -27.53
C PHE A 274 12.68 -6.07 -29.03
N GLY A 275 13.40 -6.97 -29.70
CA GLY A 275 13.24 -7.17 -31.12
C GLY A 275 13.99 -6.14 -31.95
N GLU A 276 13.94 -6.35 -33.27
CA GLU A 276 14.69 -5.51 -34.19
C GLU A 276 13.95 -4.24 -34.58
N HIS A 277 12.63 -4.19 -34.40
CA HIS A 277 11.80 -3.11 -34.93
C HIS A 277 11.57 -2.07 -33.84
N LYS A 278 12.12 -0.87 -34.06
CA LYS A 278 12.12 0.18 -33.06
C LYS A 278 10.71 0.66 -32.74
N LYS A 279 9.81 0.64 -33.73
CA LYS A 279 8.46 1.14 -33.51
C LYS A 279 7.72 0.34 -32.44
N LEU A 280 8.06 -0.94 -32.29
CA LEU A 280 7.36 -1.82 -31.35
C LEU A 280 8.13 -2.02 -30.05
N TRP A 281 9.19 -1.24 -29.83
CA TRP A 281 10.01 -1.42 -28.63
C TRP A 281 9.24 -1.06 -27.36
N PHE A 282 8.51 0.05 -27.39
CA PHE A 282 7.91 0.62 -26.20
C PHE A 282 6.42 0.31 -26.09
N ILE A 283 5.92 -0.65 -26.84
CA ILE A 283 4.52 -1.05 -26.72
C ILE A 283 4.47 -2.54 -26.41
N PRO A 284 3.56 -2.99 -25.53
CA PRO A 284 3.55 -4.38 -25.08
C PRO A 284 2.86 -5.33 -26.07
N VAL A 285 3.44 -5.46 -27.26
CA VAL A 285 3.10 -6.55 -28.17
C VAL A 285 4.32 -7.45 -28.25
N PHE A 286 4.09 -8.75 -28.38
CA PHE A 286 5.20 -9.70 -28.31
C PHE A 286 6.14 -9.50 -29.49
N THR A 287 7.43 -9.36 -29.16
CA THR A 287 8.42 -9.03 -30.17
C THR A 287 9.78 -9.65 -29.86
N SER A 288 9.87 -10.54 -28.86
CA SER A 288 11.13 -11.12 -28.45
C SER A 288 11.61 -12.16 -29.47
N GLN A 289 12.91 -12.41 -29.46
CA GLN A 289 13.56 -13.23 -30.48
C GLN A 289 13.81 -14.64 -29.99
N GLY A 290 13.87 -15.57 -30.94
CA GLY A 290 14.21 -16.96 -30.68
C GLY A 290 13.01 -17.80 -30.28
N ASP A 291 13.23 -19.11 -30.28
CA ASP A 291 12.35 -19.97 -29.50
C ASP A 291 12.77 -19.92 -28.03
N GLY A 292 11.92 -20.49 -27.19
CA GLY A 292 12.15 -20.46 -25.75
C GLY A 292 13.12 -21.50 -25.25
N HIS A 293 13.76 -22.22 -26.17
CA HIS A 293 14.50 -23.43 -25.84
C HIS A 293 16.01 -23.30 -26.04
N TYR A 294 16.46 -23.03 -27.26
CA TYR A 294 17.88 -22.77 -27.49
C TYR A 294 18.14 -21.28 -27.44
N PHE A 295 19.18 -20.88 -26.73
CA PHE A 295 19.58 -19.50 -26.61
C PHE A 295 21.03 -19.35 -27.08
N PRO A 296 21.33 -18.35 -27.89
CA PRO A 296 22.66 -18.28 -28.53
C PRO A 296 23.79 -18.28 -27.51
N LEU A 297 24.73 -19.20 -27.68
CA LEU A 297 25.86 -19.31 -26.79
C LEU A 297 26.83 -18.17 -27.05
N ARG A 298 27.32 -17.53 -25.97
CA ARG A 298 28.40 -16.56 -26.10
C ARG A 298 29.57 -17.16 -26.85
N THR A 299 29.89 -18.42 -26.56
CA THR A 299 31.05 -19.09 -27.13
C THR A 299 30.95 -19.27 -28.64
N LEU A 300 29.74 -19.17 -29.21
CA LEU A 300 29.53 -19.32 -30.65
C LEU A 300 29.23 -17.99 -31.34
N ARG A 301 29.40 -16.86 -30.66
CA ARG A 301 28.87 -15.60 -31.17
C ARG A 301 29.56 -15.13 -32.44
N GLU A 302 30.77 -15.62 -32.74
CA GLU A 302 31.48 -15.27 -33.96
C GLU A 302 31.68 -16.47 -34.88
N SER A 303 30.87 -17.51 -34.71
CA SER A 303 30.90 -18.66 -35.61
C SER A 303 29.79 -18.53 -36.64
N GLU A 304 30.09 -18.84 -37.89
CA GLU A 304 29.16 -18.64 -38.98
C GLU A 304 28.14 -19.77 -39.09
N CYS B 15 -22.95 -3.04 -1.58
CA CYS B 15 -22.21 -4.29 -1.67
C CYS B 15 -20.78 -4.05 -2.14
N CYS B 16 -20.64 -3.59 -3.38
CA CYS B 16 -19.32 -3.24 -3.90
C CYS B 16 -18.71 -2.10 -3.10
N GLN B 17 -19.54 -1.12 -2.73
CA GLN B 17 -19.07 -0.03 -1.87
C GLN B 17 -18.53 -0.56 -0.55
N ARG B 18 -19.25 -1.50 0.06
CA ARG B 18 -18.83 -2.03 1.36
C ARG B 18 -17.48 -2.70 1.28
N ILE B 19 -17.22 -3.47 0.21
CA ILE B 19 -15.97 -4.20 0.10
C ILE B 19 -14.83 -3.24 -0.26
N PHE B 20 -15.11 -2.22 -1.08
CA PHE B 20 -14.09 -1.19 -1.33
C PHE B 20 -13.73 -0.40 -0.07
N SER B 21 -14.68 -0.22 0.86
CA SER B 21 -14.39 0.49 2.09
C SER B 21 -13.32 -0.21 2.94
N TRP B 22 -13.09 -1.50 2.70
CA TRP B 22 -12.12 -2.28 3.45
C TRP B 22 -10.74 -2.32 2.82
N ILE B 23 -10.58 -1.76 1.61
CA ILE B 23 -9.31 -1.87 0.91
C ILE B 23 -8.15 -1.21 1.66
N PRO B 24 -8.29 0.00 2.23
CA PRO B 24 -7.18 0.55 3.01
C PRO B 24 -6.75 -0.33 4.17
N VAL B 25 -7.72 -0.90 4.89
CA VAL B 25 -7.39 -1.81 5.99
C VAL B 25 -6.65 -3.03 5.46
N ILE B 26 -7.09 -3.55 4.30
CA ILE B 26 -6.41 -4.70 3.71
C ILE B 26 -4.97 -4.35 3.35
N ILE B 27 -4.75 -3.12 2.86
CA ILE B 27 -3.41 -2.68 2.51
C ILE B 27 -2.52 -2.65 3.76
N ILE B 28 -2.96 -1.91 4.78
CA ILE B 28 -2.15 -1.77 6.00
C ILE B 28 -1.89 -3.13 6.63
N SER B 29 -2.93 -3.95 6.75
CA SER B 29 -2.78 -5.26 7.36
C SER B 29 -1.82 -6.14 6.57
N SER B 30 -1.90 -6.09 5.23
CA SER B 30 -0.99 -6.88 4.41
C SER B 30 0.45 -6.45 4.62
N VAL B 31 0.70 -5.14 4.62
CA VAL B 31 2.07 -4.67 4.81
C VAL B 31 2.59 -5.06 6.19
N VAL B 32 1.73 -4.99 7.21
CA VAL B 32 2.15 -5.30 8.58
C VAL B 32 2.47 -6.78 8.72
N LEU B 33 1.58 -7.64 8.23
CA LEU B 33 1.84 -9.08 8.28
C LEU B 33 3.10 -9.46 7.51
N TRP B 34 3.26 -8.87 6.32
CA TRP B 34 4.44 -9.17 5.51
C TRP B 34 5.71 -8.74 6.22
N SER B 35 5.67 -7.61 6.91
CA SER B 35 6.84 -7.18 7.68
C SER B 35 7.07 -8.09 8.90
N TYR B 36 6.00 -8.62 9.49
CA TYR B 36 6.15 -9.58 10.58
C TYR B 36 6.89 -10.82 10.10
N TYR B 37 6.42 -11.42 9.00
CA TYR B 37 7.09 -12.58 8.45
C TYR B 37 8.54 -12.24 8.10
N ALA B 38 8.77 -11.05 7.55
CA ALA B 38 10.11 -10.67 7.14
C ALA B 38 11.06 -10.60 8.33
N TYR B 39 10.65 -9.94 9.42
CA TYR B 39 11.56 -9.84 10.55
C TYR B 39 11.70 -11.20 11.26
N VAL B 40 10.59 -11.86 11.52
CA VAL B 40 10.63 -13.06 12.36
C VAL B 40 11.35 -14.20 11.65
N PHE B 41 11.05 -14.41 10.37
CA PHE B 41 11.53 -15.60 9.68
C PHE B 41 12.74 -15.36 8.80
N GLU B 42 13.08 -14.12 8.49
CA GLU B 42 14.14 -13.85 7.52
C GLU B 42 15.32 -13.08 8.09
N LEU B 43 15.08 -12.04 8.89
CA LEU B 43 16.15 -11.13 9.29
C LEU B 43 16.59 -11.25 10.74
N CYS B 44 15.69 -11.66 11.65
CA CYS B 44 16.01 -11.62 13.07
C CYS B 44 17.21 -12.50 13.40
N PHE B 45 17.16 -13.77 13.01
CA PHE B 45 18.23 -14.69 13.37
C PHE B 45 19.56 -14.27 12.78
N VAL B 46 19.55 -13.82 11.51
CA VAL B 46 20.80 -13.53 10.82
C VAL B 46 21.39 -12.19 11.25
N THR B 47 20.55 -11.21 11.53
CA THR B 47 21.04 -9.87 11.87
C THR B 47 21.63 -9.84 13.28
N ASN B 50 24.06 -13.35 18.84
CA ASN B 50 23.93 -13.96 20.16
C ASN B 50 22.47 -14.29 20.46
N ASN B 51 22.25 -15.39 21.18
CA ASN B 51 20.89 -15.91 21.35
C ASN B 51 20.08 -15.07 22.32
N LEU B 52 20.71 -14.63 23.43
CA LEU B 52 20.01 -13.78 24.38
C LEU B 52 19.50 -12.51 23.70
N GLU B 53 20.34 -11.89 22.87
CA GLU B 53 19.91 -10.74 22.10
C GLU B 53 18.76 -11.10 21.16
N ARG B 54 18.82 -12.28 20.54
CA ARG B 54 17.81 -12.66 19.57
C ARG B 54 16.44 -12.85 20.22
N VAL B 55 16.38 -13.56 21.35
CA VAL B 55 15.10 -13.78 22.01
C VAL B 55 14.60 -12.49 22.65
N THR B 56 15.51 -11.69 23.21
CA THR B 56 15.13 -10.37 23.72
C THR B 56 14.43 -9.55 22.64
N TYR B 57 15.05 -9.48 21.46
CA TYR B 57 14.48 -8.68 20.38
C TYR B 57 13.20 -9.30 19.82
N LEU B 58 13.10 -10.62 19.83
CA LEU B 58 11.85 -11.25 19.40
C LEU B 58 10.70 -10.87 20.34
N LEU B 59 10.96 -10.87 21.65
CA LEU B 59 9.90 -10.50 22.60
C LEU B 59 9.54 -9.02 22.47
N ILE B 60 10.55 -8.14 22.38
CA ILE B 60 10.29 -6.72 22.19
C ILE B 60 9.44 -6.50 20.95
N PHE B 61 9.89 -7.06 19.82
CA PHE B 61 9.16 -6.95 18.57
C PHE B 61 7.72 -7.44 18.72
N HIS B 62 7.52 -8.55 19.43
CA HIS B 62 6.17 -9.06 19.60
C HIS B 62 5.32 -8.12 20.44
N VAL B 63 5.92 -7.41 21.40
CA VAL B 63 5.17 -6.39 22.13
C VAL B 63 4.73 -5.27 21.19
N CYS B 64 5.66 -4.80 20.35
CA CYS B 64 5.31 -3.76 19.39
C CYS B 64 4.19 -4.21 18.45
N PHE B 65 4.28 -5.45 17.96
CA PHE B 65 3.28 -5.96 17.01
C PHE B 65 1.92 -6.13 17.68
N ILE B 66 1.90 -6.70 18.88
CA ILE B 66 0.63 -6.91 19.58
C ILE B 66 -0.02 -5.58 19.92
N MET B 67 0.77 -4.60 20.34
CA MET B 67 0.21 -3.27 20.60
C MET B 67 -0.34 -2.65 19.32
N PHE B 68 0.37 -2.80 18.21
CA PHE B 68 -0.13 -2.29 16.93
C PHE B 68 -1.48 -2.90 16.60
N CYS B 69 -1.56 -4.23 16.58
CA CYS B 69 -2.80 -4.90 16.19
C CYS B 69 -3.93 -4.56 17.16
N TRP B 70 -3.61 -4.47 18.45
CA TRP B 70 -4.64 -4.18 19.45
C TRP B 70 -5.23 -2.79 19.25
N THR B 71 -4.37 -1.77 19.13
CA THR B 71 -4.87 -0.41 18.98
C THR B 71 -5.55 -0.21 17.62
N TYR B 72 -5.00 -0.84 16.57
CA TYR B 72 -5.63 -0.75 15.25
C TYR B 72 -7.01 -1.37 15.25
N TRP B 73 -7.13 -2.57 15.83
CA TRP B 73 -8.43 -3.22 15.96
C TRP B 73 -9.41 -2.34 16.72
N LYS B 74 -8.97 -1.80 17.87
CA LYS B 74 -9.87 -0.97 18.67
C LYS B 74 -10.29 0.29 17.93
N ALA B 75 -9.39 0.84 17.09
CA ALA B 75 -9.77 2.01 16.30
C ALA B 75 -10.78 1.64 15.21
N ILE B 76 -10.63 0.46 14.61
CA ILE B 76 -11.51 0.07 13.52
C ILE B 76 -12.90 -0.28 14.03
N PHE B 77 -12.98 -1.05 15.12
CA PHE B 77 -14.22 -1.72 15.50
C PHE B 77 -14.93 -1.08 16.70
N THR B 78 -14.47 0.08 17.16
CA THR B 78 -15.20 0.81 18.19
C THR B 78 -16.18 1.75 17.49
N PRO B 79 -17.49 1.52 17.60
CA PRO B 79 -18.43 2.35 16.85
C PRO B 79 -18.52 3.74 17.44
N PRO B 80 -18.90 4.73 16.65
CA PRO B 80 -19.03 6.10 17.17
C PRO B 80 -20.13 6.21 18.21
N SER B 81 -19.90 7.05 19.20
CA SER B 81 -20.95 7.41 20.14
C SER B 81 -21.91 8.39 19.47
N THR B 82 -23.19 8.26 19.79
CA THR B 82 -24.24 9.01 19.14
C THR B 82 -25.06 9.78 20.16
N PRO B 83 -25.75 10.85 19.74
CA PRO B 83 -26.52 11.66 20.68
C PRO B 83 -27.52 10.84 21.47
N THR B 84 -27.68 11.20 22.75
CA THR B 84 -28.67 10.56 23.59
C THR B 84 -30.08 10.87 23.10
N LYS B 85 -31.04 10.17 23.73
CA LYS B 85 -32.45 10.34 23.43
C LYS B 85 -32.90 11.78 23.59
N LYS B 86 -32.42 12.47 24.63
CA LYS B 86 -32.90 13.82 24.91
C LYS B 86 -32.51 14.82 23.84
N PHE B 87 -31.51 14.52 23.01
CA PHE B 87 -31.14 15.38 21.91
C PHE B 87 -31.89 15.03 20.63
N HIS B 88 -32.59 13.91 20.59
CA HIS B 88 -33.44 13.56 19.46
C HIS B 88 -34.78 14.29 19.58
N LEU B 89 -35.28 14.77 18.43
CA LEU B 89 -36.65 15.26 18.39
C LEU B 89 -37.61 14.11 18.68
N SER B 90 -38.57 14.35 19.56
CA SER B 90 -39.55 13.31 19.86
C SER B 90 -40.60 13.25 18.76
N TYR B 91 -41.52 12.29 18.90
CA TYR B 91 -42.60 12.15 17.93
C TYR B 91 -43.42 13.44 17.82
N THR B 92 -43.80 14.01 18.96
CA THR B 92 -44.58 15.24 18.93
C THR B 92 -43.73 16.44 18.53
N ASP B 93 -42.44 16.42 18.87
CA ASP B 93 -41.54 17.48 18.40
C ASP B 93 -41.42 17.43 16.88
N LYS B 94 -41.25 16.24 16.32
CA LYS B 94 -41.25 16.10 14.86
C LYS B 94 -42.55 16.60 14.26
N GLU B 95 -43.68 16.25 14.88
CA GLU B 95 -44.98 16.71 14.38
C GLU B 95 -45.07 18.22 14.35
N ARG B 96 -44.69 18.87 15.47
CA ARG B 96 -44.71 20.33 15.51
C ARG B 96 -43.79 20.93 14.45
N TYR B 97 -42.57 20.41 14.34
CA TYR B 97 -41.59 21.00 13.44
C TYR B 97 -42.05 20.91 11.99
N GLU B 98 -42.47 19.72 11.55
CA GLU B 98 -42.79 19.55 10.14
C GLU B 98 -44.20 20.02 9.79
N MET B 99 -45.09 20.15 10.77
CA MET B 99 -46.41 20.71 10.51
C MET B 99 -46.41 22.24 10.55
N GLU B 100 -45.36 22.86 11.05
CA GLU B 100 -45.23 24.32 11.03
C GLU B 100 -44.74 24.75 9.66
N GLU B 101 -45.51 25.62 8.99
CA GLU B 101 -45.17 26.04 7.64
C GLU B 101 -44.36 27.34 7.61
N ARG B 102 -44.38 28.12 8.70
CA ARG B 102 -43.62 29.35 8.76
C ARG B 102 -42.17 29.05 9.13
N PRO B 103 -41.22 29.27 8.21
CA PRO B 103 -39.84 28.81 8.44
C PRO B 103 -39.15 29.46 9.64
N GLU B 104 -39.68 30.56 10.17
CA GLU B 104 -39.08 31.16 11.36
C GLU B 104 -39.65 30.56 12.64
N VAL B 105 -40.92 30.18 12.64
CA VAL B 105 -41.48 29.47 13.79
C VAL B 105 -40.87 28.09 13.92
N GLN B 106 -40.42 27.50 12.81
CA GLN B 106 -39.65 26.26 12.87
C GLN B 106 -38.37 26.46 13.67
N LYS B 107 -37.61 27.49 13.29
CA LYS B 107 -36.37 27.82 14.00
C LYS B 107 -36.65 28.09 15.47
N GLN B 108 -37.77 28.77 15.78
CA GLN B 108 -38.10 29.01 17.18
C GLN B 108 -38.46 27.71 17.90
N ILE B 109 -39.07 26.75 17.21
CA ILE B 109 -39.33 25.45 17.81
C ILE B 109 -38.02 24.79 18.22
N LEU B 110 -37.06 24.75 17.29
CA LEU B 110 -35.75 24.19 17.62
C LEU B 110 -35.11 24.95 18.76
N VAL B 111 -35.22 26.28 18.76
CA VAL B 111 -34.57 27.10 19.79
C VAL B 111 -35.14 26.77 21.16
N ASP B 112 -36.46 26.65 21.26
CA ASP B 112 -37.06 26.37 22.56
C ASP B 112 -36.87 24.93 22.99
N ILE B 113 -36.50 24.02 22.09
CA ILE B 113 -36.04 22.72 22.56
C ILE B 113 -34.60 22.79 23.05
N ALA B 114 -33.72 23.41 22.26
CA ALA B 114 -32.30 23.46 22.61
C ALA B 114 -32.06 24.27 23.88
N LYS B 115 -32.98 25.18 24.22
CA LYS B 115 -32.81 26.00 25.41
C LYS B 115 -32.79 25.18 26.70
N LYS B 116 -33.33 23.96 26.66
CA LYS B 116 -33.35 23.08 27.82
C LYS B 116 -32.19 22.08 27.83
N LEU B 117 -31.24 22.21 26.93
CA LEU B 117 -30.14 21.27 26.78
C LEU B 117 -28.81 21.97 26.97
N PRO B 118 -27.75 21.22 27.35
CA PRO B 118 -26.43 21.85 27.56
C PRO B 118 -25.69 22.10 26.25
N ILE B 119 -26.26 22.98 25.43
CA ILE B 119 -25.73 23.30 24.11
C ILE B 119 -25.37 24.77 24.08
N PHE B 120 -24.11 25.08 23.76
CA PHE B 120 -23.60 26.43 23.81
C PHE B 120 -22.99 26.92 22.50
N THR B 121 -22.86 26.05 21.51
CA THR B 121 -22.44 26.46 20.17
C THR B 121 -23.64 26.52 19.25
N ARG B 122 -23.49 27.29 18.17
CA ARG B 122 -24.51 27.43 17.15
C ARG B 122 -23.85 27.33 15.78
N ALA B 123 -24.68 27.31 14.74
CA ALA B 123 -24.17 27.40 13.38
C ALA B 123 -23.60 28.80 13.14
N GLN B 124 -22.93 28.96 11.99
CA GLN B 124 -22.34 30.26 11.67
C GLN B 124 -23.41 31.29 11.34
N SER B 125 -24.57 30.84 10.88
CA SER B 125 -25.71 31.75 10.74
C SER B 125 -26.27 32.16 12.09
N GLY B 126 -25.88 31.47 13.15
CA GLY B 126 -26.48 31.65 14.45
C GLY B 126 -27.63 30.71 14.75
N ALA B 127 -28.02 29.88 13.78
CA ALA B 127 -29.14 28.97 13.96
C ALA B 127 -28.74 27.79 14.84
N ILE B 128 -29.76 27.16 15.43
CA ILE B 128 -29.55 25.90 16.14
C ILE B 128 -28.98 24.88 15.17
N ARG B 129 -27.91 24.21 15.59
CA ARG B 129 -27.34 23.14 14.77
C ARG B 129 -28.28 21.95 14.78
N PHE B 130 -28.77 21.58 13.59
CA PHE B 130 -29.83 20.57 13.47
C PHE B 130 -29.48 19.63 12.34
N CYS B 131 -29.74 18.34 12.55
CA CYS B 131 -29.54 17.32 11.54
C CYS B 131 -30.91 16.81 11.08
N ASP B 132 -31.26 17.10 9.83
CA ASP B 132 -32.55 16.65 9.31
C ASP B 132 -32.58 15.14 9.12
N ARG B 133 -31.43 14.53 8.84
CA ARG B 133 -31.41 13.10 8.53
C ARG B 133 -31.59 12.26 9.80
N CYS B 134 -30.96 12.67 10.90
CA CYS B 134 -31.15 12.00 12.18
C CYS B 134 -32.28 12.58 13.00
N GLN B 135 -32.83 13.73 12.60
CA GLN B 135 -33.82 14.47 13.38
C GLN B 135 -33.28 14.75 14.79
N VAL B 136 -32.10 15.37 14.82
CA VAL B 136 -31.32 15.51 16.04
C VAL B 136 -30.89 16.96 16.20
N ILE B 137 -31.12 17.53 17.38
CA ILE B 137 -30.51 18.80 17.75
C ILE B 137 -29.11 18.49 18.27
N LYS B 138 -28.10 18.91 17.51
CA LYS B 138 -26.77 18.36 17.67
C LYS B 138 -26.13 18.83 18.97
N PRO B 139 -25.58 17.93 19.78
CA PRO B 139 -24.73 18.36 20.89
C PRO B 139 -23.52 19.14 20.38
N ASP B 140 -22.92 19.91 21.27
CA ASP B 140 -21.66 20.58 20.95
C ASP B 140 -20.65 19.56 20.46
N ARG B 141 -19.87 19.95 19.45
CA ARG B 141 -18.80 19.17 18.85
C ARG B 141 -19.29 17.91 18.14
N CYS B 142 -20.60 17.68 18.05
CA CYS B 142 -21.14 16.53 17.34
C CYS B 142 -21.42 16.88 15.89
N HIS B 143 -21.04 15.99 14.97
CA HIS B 143 -21.21 16.27 13.55
C HIS B 143 -21.72 15.02 12.84
N HIS B 144 -22.53 15.25 11.80
CA HIS B 144 -23.09 14.13 11.03
C HIS B 144 -22.04 13.60 10.05
N CYS B 145 -21.85 12.29 10.09
CA CYS B 145 -21.05 11.59 9.10
C CYS B 145 -21.98 10.90 8.11
N SER B 146 -21.80 11.23 6.83
CA SER B 146 -22.61 10.65 5.76
C SER B 146 -22.13 9.26 5.36
N VAL B 147 -20.91 8.89 5.70
CA VAL B 147 -20.46 7.52 5.48
C VAL B 147 -21.00 6.60 6.57
N CYS B 148 -20.74 6.93 7.83
CA CYS B 148 -21.34 6.20 8.93
C CYS B 148 -22.85 6.40 9.00
N GLU B 149 -23.38 7.43 8.33
CA GLU B 149 -24.81 7.70 8.27
C GLU B 149 -25.40 7.97 9.65
N THR B 150 -24.71 8.80 10.44
CA THR B 150 -25.21 9.10 11.77
C THR B 150 -24.47 10.31 12.33
N CYS B 151 -25.09 10.96 13.31
CA CYS B 151 -24.42 11.99 14.07
C CYS B 151 -23.42 11.36 15.02
N VAL B 152 -22.23 11.94 15.10
CA VAL B 152 -21.08 11.37 15.80
C VAL B 152 -20.60 12.36 16.83
N LEU B 153 -20.48 11.89 18.07
CA LEU B 153 -20.06 12.75 19.18
C LEU B 153 -18.57 13.07 19.08
N LYS B 154 -18.24 14.36 19.29
CA LYS B 154 -16.90 14.90 19.11
C LYS B 154 -16.21 14.29 17.89
N MET B 155 -16.92 14.31 16.76
CA MET B 155 -16.38 13.76 15.53
C MET B 155 -15.13 14.50 15.12
N ASP B 156 -14.00 13.78 15.04
CA ASP B 156 -12.80 14.39 14.49
C ASP B 156 -12.81 14.30 12.98
N HIS B 157 -12.96 13.08 12.44
CA HIS B 157 -13.06 12.92 10.99
C HIS B 157 -13.33 11.46 10.63
N HIS B 158 -13.97 11.23 9.48
CA HIS B 158 -14.10 9.86 8.99
C HIS B 158 -12.75 9.40 8.42
N SER B 159 -12.28 8.26 8.89
CA SER B 159 -10.99 7.75 8.47
C SER B 159 -11.16 6.54 7.56
N PRO B 160 -10.78 6.63 6.29
CA PRO B 160 -10.77 5.42 5.44
C PRO B 160 -9.76 4.40 5.91
N TRP B 161 -8.73 4.82 6.64
CA TRP B 161 -7.64 3.92 6.99
C TRP B 161 -7.98 2.99 8.15
N VAL B 162 -8.88 3.42 9.03
CA VAL B 162 -9.49 2.50 9.99
C VAL B 162 -10.92 2.15 9.59
N ASN B 163 -11.34 2.56 8.38
CA ASN B 163 -12.67 2.28 7.85
C ASN B 163 -13.75 2.62 8.88
N ASN B 164 -13.64 3.81 9.47
CA ASN B 164 -14.54 4.14 10.56
C ASN B 164 -14.33 5.61 10.94
N CYS B 165 -15.33 6.16 11.62
CA CYS B 165 -15.21 7.51 12.13
C CYS B 165 -14.24 7.55 13.31
N VAL B 166 -13.50 8.66 13.40
CA VAL B 166 -12.67 8.97 14.56
C VAL B 166 -13.34 10.11 15.30
N GLY B 167 -13.75 9.83 16.53
CA GLY B 167 -14.47 10.78 17.35
C GLY B 167 -14.34 10.44 18.83
N PHE B 168 -15.35 10.81 19.60
CA PHE B 168 -15.26 10.73 21.06
C PHE B 168 -14.97 9.31 21.54
N SER B 169 -15.57 8.30 20.90
CA SER B 169 -15.53 6.96 21.45
C SER B 169 -14.17 6.30 21.25
N ASN B 170 -13.43 6.68 20.20
CA ASN B 170 -12.23 5.95 19.81
C ASN B 170 -11.01 6.82 19.55
N TYR B 171 -11.06 8.12 19.89
CA TYR B 171 -9.96 9.02 19.58
C TYR B 171 -8.66 8.56 20.24
N LYS B 172 -8.73 8.15 21.50
CA LYS B 172 -7.54 7.69 22.20
C LYS B 172 -6.93 6.47 21.54
N PHE B 173 -7.77 5.51 21.14
CA PHE B 173 -7.28 4.34 20.43
C PHE B 173 -6.61 4.73 19.12
N PHE B 174 -7.18 5.73 18.43
CA PHE B 174 -6.59 6.24 17.20
C PHE B 174 -5.19 6.81 17.44
N LEU B 175 -5.06 7.62 18.49
CA LEU B 175 -3.77 8.22 18.81
C LEU B 175 -2.74 7.15 19.17
N LEU B 176 -3.12 6.20 20.01
CA LEU B 176 -2.22 5.09 20.34
C LEU B 176 -1.83 4.32 19.09
N PHE B 177 -2.77 4.13 18.18
CA PHE B 177 -2.48 3.42 16.93
C PHE B 177 -1.44 4.17 16.11
N LEU B 178 -1.53 5.51 16.08
CA LEU B 178 -0.49 6.29 15.42
C LEU B 178 0.85 6.09 16.10
N SER B 179 0.89 6.19 17.43
CA SER B 179 2.17 6.09 18.14
C SER B 179 2.83 4.74 17.92
N TYR B 180 2.07 3.66 18.10
CA TYR B 180 2.63 2.32 17.92
C TYR B 180 2.99 2.05 16.46
N SER B 181 2.26 2.65 15.52
CA SER B 181 2.66 2.57 14.12
C SER B 181 4.03 3.22 13.90
N MET B 182 4.27 4.35 14.55
CA MET B 182 5.56 5.02 14.43
C MET B 182 6.68 4.17 15.01
N ILE B 183 6.47 3.64 16.23
CA ILE B 183 7.49 2.81 16.86
C ILE B 183 7.80 1.60 15.99
N TYR B 184 6.76 0.92 15.51
CA TYR B 184 6.93 -0.24 14.63
C TYR B 184 7.74 0.13 13.39
N CYS B 185 7.38 1.25 12.75
CA CYS B 185 8.11 1.73 11.58
C CYS B 185 9.59 1.91 11.89
N VAL B 186 9.90 2.55 13.02
CA VAL B 186 11.29 2.78 13.37
C VAL B 186 12.01 1.46 13.59
N PHE B 187 11.36 0.51 14.28
CA PHE B 187 11.96 -0.80 14.50
C PHE B 187 12.36 -1.46 13.19
N ILE B 188 11.43 -1.52 12.24
CA ILE B 188 11.70 -2.24 11.00
C ILE B 188 12.72 -1.51 10.15
N ALA B 189 12.58 -0.18 10.03
CA ALA B 189 13.55 0.60 9.27
C ALA B 189 14.96 0.40 9.81
N SER B 190 15.14 0.55 11.12
CA SER B 190 16.47 0.40 11.71
C SER B 190 16.99 -1.02 11.54
N THR B 191 16.14 -2.03 11.76
CA THR B 191 16.60 -3.42 11.63
C THR B 191 17.06 -3.72 10.21
N VAL B 192 16.26 -3.33 9.21
CA VAL B 192 16.65 -3.58 7.82
C VAL B 192 17.94 -2.84 7.48
N PHE B 193 18.06 -1.59 7.94
CA PHE B 193 19.30 -0.84 7.72
C PHE B 193 20.51 -1.60 8.28
N GLN B 194 20.38 -2.09 9.52
CA GLN B 194 21.46 -2.87 10.14
C GLN B 194 21.77 -4.12 9.33
N TYR B 195 20.74 -4.80 8.85
CA TYR B 195 20.94 -5.99 8.03
C TYR B 195 21.78 -5.66 6.80
N PHE B 196 21.43 -4.58 6.09
CA PHE B 196 22.08 -4.33 4.80
C PHE B 196 23.51 -3.83 4.97
N LEU B 197 23.78 -3.06 6.03
CA LEU B 197 25.17 -2.63 6.21
C LEU B 197 26.00 -3.71 6.90
N LYS B 198 25.35 -4.65 7.57
CA LYS B 198 26.05 -5.84 8.04
C LYS B 198 26.50 -6.71 6.87
N PHE B 199 25.61 -6.92 5.90
CA PHE B 199 26.02 -7.60 4.67
C PHE B 199 27.07 -6.78 3.93
N TRP B 200 26.95 -5.45 3.98
CA TRP B 200 27.85 -4.57 3.25
C TRP B 200 29.28 -4.66 3.78
N VAL B 201 29.43 -4.59 5.11
CA VAL B 201 30.74 -4.73 5.74
C VAL B 201 31.33 -6.12 5.57
N GLY B 202 30.53 -7.11 5.17
CA GLY B 202 31.02 -8.45 4.98
C GLY B 202 30.83 -9.37 6.16
N ASP B 203 29.86 -9.09 7.03
CA ASP B 203 29.64 -9.91 8.22
C ASP B 203 28.37 -10.74 8.08
N ALA B 209 22.25 -12.33 -0.03
CA ALA B 209 21.41 -11.39 0.70
C ALA B 209 19.97 -11.42 0.19
N LYS B 210 19.04 -10.98 1.04
CA LYS B 210 17.63 -10.88 0.67
C LYS B 210 17.37 -9.44 0.24
N PHE B 211 17.71 -9.16 -1.02
CA PHE B 211 17.68 -7.78 -1.52
C PHE B 211 16.26 -7.23 -1.58
N HIS B 212 15.26 -8.08 -1.85
CA HIS B 212 13.87 -7.62 -1.89
C HIS B 212 13.48 -6.93 -0.59
N VAL B 213 14.02 -7.39 0.54
CA VAL B 213 13.73 -6.81 1.85
C VAL B 213 14.03 -5.32 1.89
N LEU B 214 14.93 -4.83 1.03
CA LEU B 214 15.22 -3.40 0.98
C LEU B 214 13.94 -2.59 0.76
N PHE B 215 13.02 -3.11 -0.08
CA PHE B 215 11.76 -2.41 -0.30
C PHE B 215 11.03 -2.15 1.02
N LEU B 216 11.03 -3.14 1.93
CA LEU B 216 10.48 -2.96 3.25
C LEU B 216 10.97 -1.67 3.89
N LEU B 217 12.29 -1.46 3.89
CA LEU B 217 12.86 -0.22 4.44
C LEU B 217 12.18 0.99 3.82
N PHE B 218 12.16 1.04 2.48
CA PHE B 218 11.55 2.18 1.79
C PHE B 218 10.10 2.37 2.19
N VAL B 219 9.39 1.28 2.46
CA VAL B 219 8.01 1.43 2.94
C VAL B 219 8.02 2.05 4.33
N ALA B 220 8.79 1.45 5.25
CA ALA B 220 8.82 1.93 6.63
C ALA B 220 9.07 3.43 6.68
N LEU B 221 10.24 3.85 6.18
CA LEU B 221 10.57 5.26 6.07
C LEU B 221 9.38 6.08 5.64
N MET B 222 8.77 5.73 4.49
CA MET B 222 7.64 6.50 3.98
C MET B 222 6.59 6.66 5.06
N PHE B 223 6.05 5.54 5.55
CA PHE B 223 5.02 5.63 6.57
C PHE B 223 5.49 6.47 7.75
N PHE B 224 6.72 6.23 8.21
CA PHE B 224 7.25 7.00 9.32
C PHE B 224 7.11 8.49 9.06
N VAL B 225 7.64 8.95 7.91
CA VAL B 225 7.58 10.37 7.61
C VAL B 225 6.13 10.84 7.61
N SER B 226 5.26 10.09 6.92
CA SER B 226 3.85 10.44 6.90
C SER B 226 3.32 10.56 8.32
N LEU B 227 3.61 9.56 9.15
CA LEU B 227 3.08 9.56 10.50
C LEU B 227 3.56 10.78 11.28
N MET B 228 4.81 11.21 11.04
CA MET B 228 5.33 12.35 11.78
C MET B 228 4.54 13.62 11.44
N PHE B 229 4.08 13.74 10.20
CA PHE B 229 3.22 14.86 9.87
C PHE B 229 1.83 14.69 10.48
N LEU B 230 1.34 13.45 10.54
CA LEU B 230 0.00 13.22 11.09
C LEU B 230 0.03 13.32 12.60
N PHE B 231 0.80 12.44 13.25
CA PHE B 231 0.93 12.46 14.72
C PHE B 231 1.18 13.86 15.23
N GLY B 232 2.23 14.51 14.71
CA GLY B 232 2.51 15.89 15.08
C GLY B 232 1.28 16.76 14.99
N TYR B 233 0.59 16.74 13.84
CA TYR B 233 -0.62 17.54 13.67
C TYR B 233 -1.60 17.29 14.80
N HIS B 234 -1.86 16.02 15.11
CA HIS B 234 -2.83 15.72 16.15
C HIS B 234 -2.31 16.07 17.53
N CYS B 235 -0.99 15.97 17.73
CA CYS B 235 -0.38 16.50 18.95
C CYS B 235 -0.78 17.95 19.15
N TRP B 236 -0.80 18.73 18.08
CA TRP B 236 -1.30 20.09 18.15
C TRP B 236 -2.75 20.10 18.59
N LEU B 237 -3.61 19.36 17.87
CA LEU B 237 -5.03 19.36 18.16
C LEU B 237 -5.29 19.04 19.62
N VAL B 238 -4.80 17.88 20.07
CA VAL B 238 -5.01 17.45 21.45
C VAL B 238 -4.45 18.47 22.44
N ALA B 239 -3.35 19.14 22.08
CA ALA B 239 -2.78 20.13 23.00
C ALA B 239 -3.73 21.30 23.20
N LYS B 240 -4.50 21.65 22.18
CA LYS B 240 -5.38 22.81 22.23
C LYS B 240 -6.85 22.44 22.37
N ASN B 241 -7.16 21.14 22.49
CA ASN B 241 -8.53 20.65 22.58
C ASN B 241 -9.38 21.11 21.40
N ARG B 242 -8.94 20.73 20.20
CA ARG B 242 -9.68 21.01 18.98
C ARG B 242 -9.80 19.76 18.13
N SER B 243 -10.97 19.56 17.54
CA SER B 243 -11.19 18.57 16.51
C SER B 243 -10.66 19.08 15.18
N THR B 244 -10.40 18.14 14.27
CA THR B 244 -10.06 18.49 12.90
C THR B 244 -11.09 19.44 12.31
N LEU B 245 -12.37 19.09 12.44
CA LEU B 245 -13.44 19.93 11.93
C LEU B 245 -13.42 21.31 12.58
N GLU B 246 -13.23 21.37 13.89
CA GLU B 246 -13.11 22.66 14.57
C GLU B 246 -11.88 23.41 14.08
N ALA B 247 -10.76 22.71 13.88
CA ALA B 247 -9.54 23.36 13.43
C ALA B 247 -9.75 24.04 12.08
N PHE B 248 -10.57 23.44 11.21
CA PHE B 248 -10.82 24.06 9.92
C PHE B 248 -12.07 24.95 9.91
N SER B 249 -12.89 24.92 10.95
CA SER B 249 -14.06 25.78 11.05
C SER B 249 -14.32 26.04 12.54
N PRO B 250 -13.90 27.20 13.05
CA PRO B 250 -13.97 27.45 14.49
C PRO B 250 -15.41 27.42 15.00
N PRO B 251 -15.65 26.80 16.16
CA PRO B 251 -17.01 26.73 16.70
C PRO B 251 -17.51 28.10 17.12
N VAL B 252 -18.79 28.34 16.89
CA VAL B 252 -19.42 29.62 17.17
C VAL B 252 -20.08 29.55 18.53
N PHE B 253 -19.75 30.49 19.40
CA PHE B 253 -20.32 30.55 20.74
C PHE B 253 -21.22 31.77 20.87
N GLN B 254 -21.74 31.96 22.08
CA GLN B 254 -22.54 33.15 22.39
C GLN B 254 -21.77 34.43 22.06
N ASN B 255 -20.45 34.41 22.21
CA ASN B 255 -19.59 35.55 21.92
C ASN B 255 -18.98 35.49 20.53
N GLY B 256 -19.57 34.71 19.62
CA GLY B 256 -19.04 34.58 18.29
C GLY B 256 -18.06 33.43 18.17
N PRO B 257 -17.29 33.40 17.08
CA PRO B 257 -16.33 32.31 16.90
C PRO B 257 -15.21 32.38 17.94
N ASP B 258 -14.83 31.21 18.45
CA ASP B 258 -13.73 31.11 19.41
C ASP B 258 -13.01 29.80 19.14
N ARG B 259 -11.83 29.88 18.52
CA ARG B 259 -11.04 28.69 18.25
C ARG B 259 -10.49 28.06 19.53
N ASN B 260 -10.52 28.77 20.65
CA ASN B 260 -10.10 28.22 21.94
C ASN B 260 -11.28 27.94 22.86
N GLY B 261 -12.49 27.84 22.30
CA GLY B 261 -13.69 27.78 23.12
C GLY B 261 -13.74 26.59 24.07
N PHE B 262 -13.08 25.49 23.70
CA PHE B 262 -13.01 24.31 24.55
C PHE B 262 -11.63 24.12 25.16
N ASN B 263 -10.78 25.15 25.12
CA ASN B 263 -9.40 25.08 25.61
C ASN B 263 -9.39 25.38 27.10
N VAL B 264 -9.15 24.36 27.91
CA VAL B 264 -9.13 24.53 29.37
C VAL B 264 -7.75 24.17 29.91
N GLY B 265 -6.71 24.41 29.11
CA GLY B 265 -5.35 24.15 29.56
C GLY B 265 -4.83 22.81 29.08
N LEU B 266 -3.51 22.78 28.85
CA LEU B 266 -2.89 21.59 28.25
C LEU B 266 -3.15 20.34 29.08
N SER B 267 -2.92 20.40 30.39
CA SER B 267 -3.05 19.22 31.23
C SER B 267 -4.46 18.64 31.17
N LYS B 268 -5.47 19.48 31.38
CA LYS B 268 -6.85 19.02 31.34
C LYS B 268 -7.27 18.62 29.94
N ASN B 269 -6.73 19.29 28.92
CA ASN B 269 -6.99 18.88 27.54
C ASN B 269 -6.51 17.46 27.30
N LEU B 270 -5.27 17.16 27.70
CA LEU B 270 -4.75 15.80 27.56
C LEU B 270 -5.58 14.80 28.34
N ARG B 271 -5.86 15.11 29.61
CA ARG B 271 -6.54 14.14 30.46
C ARG B 271 -8.00 13.93 30.05
N GLN B 272 -8.58 14.88 29.31
CA GLN B 272 -9.89 14.64 28.72
C GLN B 272 -9.88 13.45 27.78
N VAL B 273 -8.75 13.22 27.11
CA VAL B 273 -8.64 12.16 26.11
C VAL B 273 -8.05 10.89 26.71
N PHE B 274 -7.03 11.03 27.57
CA PHE B 274 -6.31 9.87 28.09
C PHE B 274 -6.70 9.50 29.52
N GLY B 275 -7.43 10.37 30.23
CA GLY B 275 -7.85 10.06 31.58
C GLY B 275 -6.79 10.45 32.60
N GLU B 276 -7.18 10.33 33.88
CA GLU B 276 -6.30 10.75 34.96
C GLU B 276 -5.28 9.69 35.34
N HIS B 277 -5.60 8.42 35.12
CA HIS B 277 -4.74 7.32 35.57
C HIS B 277 -3.67 7.06 34.50
N LYS B 278 -2.42 7.42 34.82
CA LYS B 278 -1.33 7.24 33.88
C LYS B 278 -1.11 5.79 33.49
N LYS B 279 -1.61 4.83 34.29
CA LYS B 279 -1.29 3.43 34.05
C LYS B 279 -1.92 2.92 32.77
N LEU B 280 -3.08 3.46 32.37
CA LEU B 280 -3.78 3.05 31.17
C LEU B 280 -3.74 4.12 30.08
N TRP B 281 -2.80 5.05 30.14
CA TRP B 281 -2.67 6.05 29.09
C TRP B 281 -2.34 5.41 27.75
N PHE B 282 -1.53 4.35 27.75
CA PHE B 282 -1.00 3.74 26.54
C PHE B 282 -1.66 2.40 26.22
N ILE B 283 -2.71 2.04 26.91
CA ILE B 283 -3.45 0.80 26.67
C ILE B 283 -4.80 1.16 26.05
N PRO B 284 -5.20 0.50 24.97
CA PRO B 284 -6.47 0.87 24.28
C PRO B 284 -7.70 0.38 25.03
N VAL B 285 -7.85 0.83 26.27
CA VAL B 285 -9.09 0.71 27.02
C VAL B 285 -9.65 2.10 27.22
N PHE B 286 -10.97 2.21 27.22
CA PHE B 286 -11.61 3.52 27.24
C PHE B 286 -11.39 4.20 28.58
N THR B 287 -10.79 5.38 28.55
CA THR B 287 -10.52 6.17 29.75
C THR B 287 -10.83 7.65 29.56
N SER B 288 -11.53 8.02 28.49
CA SER B 288 -11.81 9.43 28.21
C SER B 288 -12.89 9.96 29.15
N GLN B 289 -12.89 11.28 29.34
CA GLN B 289 -13.73 11.92 30.33
C GLN B 289 -14.89 12.65 29.66
N GLY B 290 -15.94 12.90 30.44
CA GLY B 290 -17.13 13.55 29.95
C GLY B 290 -18.18 12.56 29.45
N ASP B 291 -19.31 13.12 29.03
CA ASP B 291 -20.41 12.34 28.48
C ASP B 291 -20.49 12.45 26.97
N GLY B 292 -19.54 13.12 26.33
CA GLY B 292 -19.58 13.32 24.90
C GLY B 292 -20.55 14.36 24.41
N HIS B 293 -21.33 14.96 25.31
CA HIS B 293 -22.30 16.00 24.95
C HIS B 293 -21.91 17.37 25.49
N TYR B 294 -21.63 17.47 26.78
CA TYR B 294 -21.11 18.72 27.34
C TYR B 294 -19.59 18.62 27.46
N PHE B 295 -18.90 19.63 26.97
CA PHE B 295 -17.47 19.70 27.11
C PHE B 295 -17.09 20.97 27.87
N PRO B 296 -16.13 20.89 28.78
CA PRO B 296 -15.81 22.04 29.65
C PRO B 296 -15.50 23.29 28.83
N LEU B 297 -16.22 24.37 29.13
CA LEU B 297 -16.10 25.60 28.36
C LEU B 297 -14.91 26.43 28.85
N ARG B 298 -14.29 27.15 27.92
CA ARG B 298 -13.24 28.10 28.26
C ARG B 298 -13.75 29.14 29.24
N THR B 299 -15.02 29.55 29.09
CA THR B 299 -15.58 30.57 29.97
C THR B 299 -15.61 30.12 31.43
N LEU B 300 -15.67 28.81 31.67
CA LEU B 300 -15.76 28.26 33.01
C LEU B 300 -14.45 27.68 33.51
N ARG B 301 -13.34 27.93 32.80
CA ARG B 301 -12.07 27.34 33.17
C ARG B 301 -11.64 27.75 34.57
N GLU B 302 -11.81 29.03 34.91
CA GLU B 302 -11.36 29.56 36.18
C GLU B 302 -12.48 29.68 37.22
N SER B 303 -13.65 29.11 36.95
CA SER B 303 -14.77 29.22 37.86
C SER B 303 -14.95 27.97 38.71
ZN ZN C . 8.06 -28.44 -14.21
ZN ZN D . 5.33 -18.59 -11.44
C1B LMT E . 16.33 -15.92 -4.00
C2B LMT E . 17.03 -16.58 -2.79
C3B LMT E . 18.29 -17.35 -3.27
C4B LMT E . 17.86 -18.41 -4.31
C5B LMT E . 17.15 -17.65 -5.44
C6B LMT E . 16.70 -18.65 -6.50
O1B LMT E . 17.17 -14.91 -4.48
O2B LMT E . 17.38 -15.59 -1.92
O3B LMT E . 18.99 -17.89 -2.22
O4' LMT E . 18.97 -19.06 -4.80
O5B LMT E . 16.05 -16.88 -5.00
O6B LMT E . 15.46 -19.15 -6.19
C1' LMT E . 14.96 -11.40 -5.57
C2' LMT E . 15.01 -12.58 -6.58
C3' LMT E . 15.45 -13.95 -5.97
C4' LMT E . 16.65 -13.71 -5.05
C5' LMT E . 16.04 -12.74 -4.00
C6' LMT E . 16.75 -12.68 -2.67
O1' LMT E . 15.16 -10.22 -6.23
O2' LMT E . 13.76 -12.72 -7.14
O3' LMT E . 15.76 -14.84 -6.94
O5' LMT E . 15.99 -11.48 -4.58
O6' LMT E . 16.06 -13.51 -1.83
C1 LMT E . 15.77 -9.19 -5.49
C2 LMT E . 16.65 -8.46 -6.46
C3 LMT E . 16.21 -7.08 -6.86
C4 LMT E . 16.39 -6.19 -5.65
C5 LMT E . 15.70 -4.88 -5.89
C6 LMT E . 14.97 -4.40 -4.67
C7 LMT E . 14.16 -3.20 -5.01
C8 LMT E . 13.70 -2.55 -3.74
C1B LMT F . -11.94 20.11 4.05
C2B LMT F . -11.55 21.39 3.28
C3B LMT F . -12.77 22.30 3.05
C4B LMT F . -13.54 22.61 4.37
C5B LMT F . -13.46 21.38 5.29
C6B LMT F . -14.74 21.27 6.12
O1B LMT F . -11.01 19.89 5.06
O2B LMT F . -10.58 22.03 4.03
O3B LMT F . -13.60 21.81 2.07
O4' LMT F . -13.00 23.71 5.01
O5B LMT F . -13.22 20.20 4.58
O6B LMT F . -14.86 20.01 6.64
C1' LMT F . -7.73 17.68 6.06
C2' LMT F . -7.86 17.90 4.55
C3' LMT F . -8.93 18.99 4.26
C4' LMT F . -10.25 18.70 5.02
C5' LMT F . -9.86 18.38 6.48
C6' LMT F . -11.02 18.17 7.41
O1' LMT F . -6.87 16.67 6.33
O2' LMT F . -6.65 18.35 4.08
O3' LMT F . -9.17 19.07 2.92
O5' LMT F . -9.00 17.28 6.53
O6' LMT F . -12.16 18.29 6.66
C1 LMT F . -6.37 16.65 7.65
C2 LMT F . -5.01 17.28 7.55
C3 LMT F . -3.89 16.54 8.20
C4 LMT F . -2.69 16.65 7.29
C5 LMT F . -1.69 15.60 7.62
C1B LMT G . -11.41 13.20 1.73
C2B LMT G . -10.57 13.16 0.43
C3B LMT G . -11.21 13.96 -0.72
C4B LMT G . -11.63 15.39 -0.27
C5B LMT G . -12.30 15.33 1.11
C6B LMT G . -13.62 16.11 1.04
O1B LMT G . -10.60 13.54 2.82
O2B LMT G . -9.33 13.66 0.74
O3B LMT G . -12.24 13.27 -1.32
O4' LMT G . -10.53 16.20 -0.20
O5B LMT G . -12.54 14.03 1.59
O6B LMT G . -13.96 16.59 2.28
C1' LMT G . -8.37 11.74 5.81
C2' LMT G . -8.48 10.89 4.53
C3' LMT G . -9.05 11.75 3.36
C4' LMT G . -10.32 12.54 3.77
C5' LMT G . -9.95 13.24 5.11
C6' LMT G . -11.02 14.16 5.64
O1' LMT G . -8.02 10.96 6.87
O2' LMT G . -7.22 10.48 4.20
O3' LMT G . -9.33 10.93 2.30
O5' LMT G . -9.64 12.29 6.10
O6' LMT G . -12.02 13.34 6.10
C2 LMT G . 2.23 7.78 23.30
C3 LMT G . 0.82 8.26 23.22
C4 LMT G . 0.74 9.73 23.02
C1 PLM H . 8.91 -7.86 -9.41
O1 PLM H . 10.02 -7.26 -9.43
O2 PLM H . 8.69 -9.10 -9.32
C2 PLM H . 7.62 -6.98 -9.53
C3 PLM H . 7.79 -5.49 -9.25
C4 PLM H . 6.49 -4.69 -9.35
C5 PLM H . 6.64 -3.18 -9.15
C6 PLM H . 5.30 -2.45 -9.08
C7 PLM H . 5.40 -0.93 -8.96
C8 PLM H . 4.07 -0.23 -9.24
C9 PLM H . 4.07 1.26 -8.89
CA PLM H . 3.01 2.06 -9.68
CB PLM H . 2.86 3.51 -9.20
CC PLM H . 1.97 3.66 -7.96
CD PLM H . 2.13 5.01 -7.27
CE PLM H . 1.79 6.22 -8.14
CF PLM H . 1.91 7.56 -7.41
CG PLM H . 1.14 7.59 -6.08
N POV I . 25.98 -12.63 -6.52
P POV I . 30.04 -10.25 -8.67
C1 POV I . 30.29 -7.66 -8.30
C2 POV I . 29.61 -6.40 -8.87
C3 POV I . 28.39 -6.79 -9.70
C210 POV I . 24.09 -1.32 -17.44
C310 POV I . 21.75 1.19 -14.04
C11 POV I . 28.07 -11.66 -7.53
O11 POV I . 30.21 -8.75 -9.22
C211 POV I . 24.75 -1.37 -18.80
C311 POV I . 22.07 1.59 -15.48
C12 POV I . 26.69 -11.40 -6.94
O12 POV I . 28.56 -10.42 -8.04
C212 POV I . 24.01 -0.47 -19.78
C312 POV I . 20.97 2.46 -16.07
C13 POV I . 26.41 -13.03 -5.18
O13 POV I . 30.20 -11.23 -9.82
C213 POV I . 22.53 -0.85 -19.91
C313 POV I . 21.37 2.98 -17.44
C14 POV I . 24.53 -12.35 -6.51
O14 POV I . 31.07 -10.52 -7.60
C214 POV I . 21.93 -0.25 -21.18
C314 POV I . 20.29 3.84 -18.07
C15 POV I . 26.24 -13.72 -7.46
C215 POV I . 20.43 -0.06 -21.07
C315 POV I . 19.25 2.99 -18.80
C216 POV I . 19.70 -1.40 -20.96
C316 POV I . 18.40 3.84 -19.71
C217 POV I . 18.28 -1.20 -20.44
C218 POV I . 17.24 -1.38 -21.53
C21 POV I . 30.20 -4.21 -9.64
O21 POV I . 30.52 -5.64 -9.66
C22 POV I . 30.85 -3.27 -10.62
O22 POV I . 29.40 -3.80 -8.82
C23 POV I . 29.78 -2.38 -11.25
C24 POV I . 28.95 -3.14 -12.28
C25 POV I . 28.01 -2.18 -13.01
C26 POV I . 27.63 -2.69 -14.38
C27 POV I . 26.93 -1.59 -15.17
C28 POV I . 26.20 -2.12 -16.40
C29 POV I . 24.76 -1.68 -16.35
C31 POV I . 26.20 -5.59 -9.69
O31 POV I . 27.62 -5.62 -9.98
C32 POV I . 25.32 -4.51 -10.31
O32 POV I . 25.72 -6.42 -8.94
C33 POV I . 23.97 -4.49 -9.62
C34 POV I . 23.00 -3.56 -10.35
C35 POV I . 22.43 -2.51 -9.41
C36 POV I . 21.67 -1.44 -10.19
C37 POV I . 22.61 -0.64 -11.10
C38 POV I . 22.21 -0.79 -12.56
C39 POV I . 22.82 0.27 -13.46
P PO4 J . 18.50 -27.49 -11.51
O1 PO4 J . 18.33 -28.34 -12.74
O2 PO4 J . 17.17 -26.91 -11.12
O3 PO4 J . 19.48 -26.37 -11.81
O4 PO4 J . 19.05 -28.34 -10.38
ZN ZN K . -27.07 13.16 11.87
ZN ZN L . -17.77 8.23 9.84
C1B LMT M . 10.64 -15.28 -1.89
C2B LMT M . 10.51 -14.93 -0.39
C3B LMT M . 11.19 -16.01 0.48
C4B LMT M . 12.65 -16.27 0.01
C5B LMT M . 12.66 -16.45 -1.52
C6B LMT M . 13.40 -17.73 -1.90
O1B LMT M . 11.24 -14.22 -2.57
O2B LMT M . 11.09 -13.71 -0.22
O3B LMT M . 10.45 -17.15 0.56
O4' LMT M . 13.48 -15.23 0.36
O5B LMT M . 11.36 -16.46 -2.08
O6B LMT M . 14.50 -17.88 -1.09
C1' LMT M . 10.41 -11.21 -5.24
C2' LMT M . 9.43 -11.30 -4.06
C3' LMT M . 10.05 -12.18 -2.95
C4' LMT M . 10.46 -13.56 -3.53
C5' LMT M . 11.34 -13.26 -4.76
C6' LMT M . 11.92 -14.51 -5.38
O1' LMT M . 9.85 -10.49 -6.26
O2' LMT M . 9.22 -10.05 -3.56
O3' LMT M . 9.18 -12.34 -1.92
O5' LMT M . 10.64 -12.52 -5.73
O6' LMT M . 10.90 -15.04 -6.14
C1 LMT M . 10.66 -9.45 -6.81
C2 LMT M . 10.99 -8.54 -5.66
C3 LMT M . 11.04 -7.07 -5.95
C4 LMT M . 10.06 -6.40 -5.03
C5 LMT M . 10.30 -4.92 -5.00
C6 LMT M . 9.04 -4.15 -5.24
C1 PLM N . -6.35 9.24 9.48
O1 PLM N . -5.46 10.14 9.52
O2 PLM N . -7.59 9.36 9.62
C2 PLM N . -5.85 7.78 9.24
C3 PLM N . -4.34 7.59 9.09
C4 PLM N . -3.86 6.18 9.48
C5 PLM N . -2.37 5.92 9.19
C6 PLM N . -1.96 4.48 9.48
C7 PLM N . -0.51 4.14 9.14
C8 PLM N . -0.21 2.64 9.28
C9 PLM N . 1.27 2.30 9.31
CA PLM N . 1.55 0.83 9.67
CB PLM N . 3.04 0.47 9.73
CC PLM N . 3.58 -0.12 8.43
CD PLM N . 5.09 -0.31 8.43
CE PLM N . 5.55 -1.67 7.88
CF PLM N . 7.07 -1.80 7.75
CG PLM N . 7.59 -1.50 6.34
P PO4 O . -22.07 18.79 9.40
O1 PO4 O . -23.41 19.41 9.69
O2 PO4 O . -22.10 18.13 8.05
O3 PO4 O . -21.00 19.84 9.42
O4 PO4 O . -21.77 17.74 10.46
P PO4 P . -21.65 23.28 11.60
O1 PO4 P . -23.04 23.79 11.91
O2 PO4 P . -21.68 22.44 10.34
O3 PO4 P . -20.71 24.44 11.41
O4 PO4 P . -21.16 22.43 12.75
C1 LMT Q . -5.88 24.83 9.88
C2 LMT Q . -5.60 26.27 10.19
C3 LMT Q . -6.71 27.24 9.92
C4 LMT Q . -6.94 27.27 8.44
C5 LMT Q . -8.39 27.46 8.14
C6 LMT Q . -8.92 28.71 8.77
C7 LMT Q . -10.39 28.57 9.00
C8 LMT Q . -11.03 29.91 8.91
C9 LMT Q . -11.41 30.32 7.52
C10 LMT Q . -12.84 29.91 7.32
#